data_6H6Z
#
_entry.id   6H6Z
#
_cell.length_a   172.240
_cell.length_b   89.640
_cell.length_c   61.920
_cell.angle_alpha   90.00
_cell.angle_beta   107.80
_cell.angle_gamma   90.00
#
_symmetry.space_group_name_H-M   'C 1 2 1'
#
loop_
_entity.id
_entity.type
_entity.pdbx_description
1 polymer 'Capsid protein VP1'
2 polymer 'Nanobody (VHH) Nano-62'
3 non-polymer 'SODIUM ION'
4 non-polymer 1,2-ETHANEDIOL
5 water water
#
loop_
_entity_poly.entity_id
_entity_poly.type
_entity_poly.pdbx_seq_one_letter_code
_entity_poly.pdbx_strand_id
1 'polypeptide(L)'
;KTRPFTLPNLPLSSLSNSRAPLPISSIGISPDNVQSVQFQNGRCTLDGRLVGTTPVSLSHVAKIRGTSNGTVINLTELDG
TPFHPFEGPAPIGFPDLGGCDWHINMTQFGHSSQTQYDVDTTPDTFVPHLGSIQANGIGSGNYVGVLSWISPPSHPSGSQ
VDLWKIPNYGSSITEATHLAPSVYPPGFGEVLVFFMSKMPGPGAYNLPCLLPQEYISHLASEQAPTVGEAALLHYVDPDT
GRNLGEFKAYPDGFLTCVPNGASSGPQQLPINGVFVFVSWVSRFYQLKPVGT
;
A,B
2 'polypeptide(L)'
;QVQLQESGGGLVMTGGSLRLSCAVSGRTIDVSVMAWFRQAPGKEREFVSGMRWSGMTTYSADSVKDRFTISRDKTKNTVY
LQMNSLKPEDTAVYYCAARSRFIVGVPQARDLYDYWGQGTQVTVSSGRYPYDVPDYGSGRA
;
C,D
#
# COMPACT_ATOMS: atom_id res chain seq x y z
N THR A 2 -0.91 -25.45 -0.86
CA THR A 2 0.14 -24.52 -0.44
C THR A 2 0.17 -23.30 -1.38
N ARG A 3 -0.10 -22.11 -0.82
CA ARG A 3 -0.12 -20.92 -1.64
C ARG A 3 1.29 -20.54 -2.09
N PRO A 4 1.52 -20.37 -3.38
CA PRO A 4 2.88 -20.05 -3.84
C PRO A 4 3.30 -18.65 -3.43
N PHE A 5 4.60 -18.51 -3.24
CA PHE A 5 5.18 -17.23 -2.89
C PHE A 5 5.25 -16.32 -4.11
N THR A 6 4.81 -15.08 -3.94
CA THR A 6 4.89 -14.10 -5.02
C THR A 6 5.29 -12.76 -4.42
N LEU A 7 5.74 -11.87 -5.30
CA LEU A 7 5.96 -10.45 -5.02
C LEU A 7 5.07 -9.64 -5.95
N PRO A 8 4.73 -8.40 -5.57
CA PRO A 8 3.80 -7.61 -6.39
C PRO A 8 4.25 -7.47 -7.84
N ASN A 9 3.28 -7.49 -8.75
CA ASN A 9 3.54 -7.29 -10.18
C ASN A 9 3.47 -5.80 -10.49
N LEU A 10 4.41 -5.05 -9.91
CA LEU A 10 4.43 -3.59 -10.00
C LEU A 10 5.88 -3.13 -10.11
N PRO A 11 6.13 -2.04 -10.84
CA PRO A 11 7.51 -1.52 -10.93
C PRO A 11 7.88 -0.74 -9.67
N LEU A 12 9.17 -0.80 -9.31
CA LEU A 12 9.64 -0.18 -8.05
C LEU A 12 9.31 1.31 -8.00
N SER A 13 9.39 1.98 -9.15
CA SER A 13 9.19 3.43 -9.25
C SER A 13 7.78 3.86 -8.89
N SER A 14 6.83 2.95 -8.82
CA SER A 14 5.48 3.32 -8.43
C SER A 14 5.19 3.00 -6.96
N LEU A 15 6.17 2.49 -6.19
CA LEU A 15 5.96 2.03 -4.82
C LEU A 15 6.48 3.07 -3.80
N SER A 16 6.35 2.73 -2.51
CA SER A 16 6.67 3.66 -1.41
C SER A 16 7.76 3.11 -0.51
N ASN A 17 8.58 4.00 0.03
CA ASN A 17 9.43 3.65 1.17
C ASN A 17 8.58 3.13 2.32
N SER A 18 9.18 2.30 3.18
CA SER A 18 8.45 1.80 4.34
C SER A 18 8.87 2.48 5.64
N ARG A 19 9.79 3.46 5.59
CA ARG A 19 10.19 4.20 6.78
C ARG A 19 9.71 5.64 6.77
N ALA A 20 9.12 6.08 5.66
CA ALA A 20 8.47 7.38 5.53
C ALA A 20 7.58 7.32 4.31
N PRO A 21 6.52 8.11 4.25
CA PRO A 21 5.62 8.05 3.08
C PRO A 21 6.17 8.80 1.87
N LEU A 22 7.16 8.20 1.23
CA LEU A 22 7.89 8.82 0.11
C LEU A 22 8.00 7.86 -1.07
N PRO A 23 7.93 8.37 -2.30
CA PRO A 23 8.16 7.50 -3.47
C PRO A 23 9.57 6.90 -3.45
N ILE A 24 9.67 5.64 -3.89
CA ILE A 24 10.97 5.03 -4.16
C ILE A 24 11.61 5.69 -5.37
N SER A 25 12.86 6.13 -5.22
CA SER A 25 13.58 6.79 -6.30
C SER A 25 14.83 6.06 -6.76
N SER A 26 15.36 5.10 -5.99
CA SER A 26 16.51 4.36 -6.49
C SER A 26 16.71 3.08 -5.70
N ILE A 27 17.56 2.22 -6.22
CA ILE A 27 18.03 1.05 -5.50
C ILE A 27 19.48 1.26 -5.19
N GLY A 28 19.86 0.84 -4.00
CA GLY A 28 21.23 1.05 -3.56
C GLY A 28 21.65 0.01 -2.56
N ILE A 29 22.92 0.06 -2.24
CA ILE A 29 23.52 -0.78 -1.22
C ILE A 29 24.12 0.14 -0.18
N SER A 30 24.46 -0.42 0.96
CA SER A 30 24.98 0.39 2.05
C SER A 30 26.46 0.71 1.83
N PRO A 31 26.95 1.79 2.44
CA PRO A 31 28.39 2.05 2.40
C PRO A 31 29.15 0.93 3.09
N ASP A 32 30.45 0.88 2.81
CA ASP A 32 31.30 -0.20 3.32
C ASP A 32 31.26 -0.31 4.84
N ASN A 33 31.09 0.81 5.55
CA ASN A 33 31.06 0.80 7.02
C ASN A 33 29.74 0.32 7.62
N VAL A 34 28.72 0.01 6.82
CA VAL A 34 27.46 -0.49 7.36
C VAL A 34 27.32 -1.94 6.92
N GLN A 35 27.39 -2.87 7.87
CA GLN A 35 27.25 -4.29 7.60
C GLN A 35 25.88 -4.83 7.96
N SER A 36 25.37 -4.44 9.11
CA SER A 36 24.03 -4.80 9.56
C SER A 36 23.20 -3.54 9.76
N VAL A 37 21.88 -3.71 9.79
CA VAL A 37 20.93 -2.65 10.11
C VAL A 37 19.87 -3.22 11.03
N GLN A 38 19.18 -2.33 11.75
CA GLN A 38 18.15 -2.75 12.68
C GLN A 38 16.93 -1.85 12.59
N PHE A 39 16.45 -1.62 11.38
CA PHE A 39 15.26 -0.81 11.18
C PHE A 39 14.09 -1.44 11.91
N GLN A 40 13.20 -0.59 12.44
CA GLN A 40 12.02 -1.06 13.15
C GLN A 40 10.74 -0.96 12.33
N ASN A 41 10.70 -0.06 11.35
CA ASN A 41 9.65 -0.04 10.34
C ASN A 41 10.15 -0.72 9.07
N GLY A 42 9.21 -1.14 8.24
CA GLY A 42 9.53 -1.91 7.05
C GLY A 42 10.08 -3.28 7.34
N ARG A 43 9.58 -3.95 8.37
CA ARG A 43 10.08 -5.25 8.80
C ARG A 43 8.94 -6.27 8.69
N CYS A 44 9.09 -7.22 7.77
CA CYS A 44 8.06 -8.20 7.51
C CYS A 44 8.70 -9.49 7.03
N THR A 45 8.31 -10.62 7.62
CA THR A 45 8.84 -11.90 7.15
C THR A 45 8.25 -12.24 5.78
N LEU A 46 8.79 -13.28 5.15
CA LEU A 46 8.24 -13.64 3.84
C LEU A 46 6.88 -14.31 3.95
N ASP A 47 6.53 -14.87 5.11
CA ASP A 47 5.17 -15.37 5.27
C ASP A 47 4.24 -14.33 5.90
N GLY A 48 4.62 -13.06 5.91
CA GLY A 48 3.71 -11.99 6.22
C GLY A 48 3.63 -11.57 7.69
N ARG A 49 4.65 -11.85 8.49
CA ARG A 49 4.60 -11.48 9.91
C ARG A 49 5.26 -10.12 10.11
N LEU A 50 4.50 -9.15 10.62
CA LEU A 50 5.03 -7.83 10.87
C LEU A 50 5.79 -7.85 12.19
N VAL A 51 6.98 -7.21 12.21
CA VAL A 51 7.73 -7.10 13.46
C VAL A 51 8.16 -5.65 13.67
N GLY A 52 8.71 -5.38 14.87
CA GLY A 52 9.06 -4.02 15.21
C GLY A 52 7.80 -3.18 15.33
N THR A 53 7.88 -1.94 14.86
CA THR A 53 6.73 -1.04 14.82
C THR A 53 6.01 -1.03 13.48
N THR A 54 6.36 -1.95 12.58
CA THR A 54 5.85 -1.94 11.21
C THR A 54 4.33 -2.08 11.16
N PRO A 55 3.62 -1.16 10.53
CA PRO A 55 2.19 -1.32 10.26
C PRO A 55 1.95 -1.95 8.89
N VAL A 56 0.69 -2.37 8.67
CA VAL A 56 0.29 -2.91 7.37
C VAL A 56 0.32 -1.82 6.29
N SER A 57 -0.14 -0.62 6.63
CA SER A 57 -0.50 0.43 5.68
C SER A 57 0.44 1.62 5.84
N LEU A 58 0.71 2.29 4.71
CA LEU A 58 1.51 3.51 4.71
C LEU A 58 0.85 4.65 5.49
N SER A 59 -0.47 4.61 5.67
CA SER A 59 -1.13 5.68 6.38
C SER A 59 -0.73 5.73 7.85
N HIS A 60 0.00 4.74 8.35
CA HIS A 60 0.49 4.70 9.73
C HIS A 60 1.99 4.95 9.83
N VAL A 61 2.69 5.08 8.71
CA VAL A 61 4.16 5.06 8.70
C VAL A 61 4.70 6.43 9.09
N ALA A 62 5.63 6.44 10.06
CA ALA A 62 6.33 7.65 10.54
C ALA A 62 5.38 8.69 11.12
N LYS A 63 4.38 8.24 11.88
CA LYS A 63 3.43 9.13 12.50
C LYS A 63 3.49 9.00 14.02
N ILE A 64 3.02 10.03 14.72
CA ILE A 64 2.88 9.96 16.17
C ILE A 64 1.49 10.46 16.54
N ARG A 65 1.08 10.12 17.76
CA ARG A 65 -0.19 10.52 18.33
C ARG A 65 -0.03 10.62 19.84
N GLY A 66 -0.52 11.69 20.44
CA GLY A 66 -0.33 11.82 21.87
C GLY A 66 -0.90 13.11 22.43
N THR A 67 -0.79 13.23 23.75
CA THR A 67 -1.28 14.38 24.49
C THR A 67 -0.09 15.12 25.08
N SER A 68 0.07 16.37 24.69
CA SER A 68 1.05 17.23 25.31
C SER A 68 0.44 17.88 26.55
N ASN A 69 1.24 17.96 27.62
CA ASN A 69 0.92 18.82 28.75
C ASN A 69 1.90 19.99 28.82
N GLY A 70 2.49 20.36 27.68
CA GLY A 70 3.49 21.40 27.64
C GLY A 70 4.89 20.98 28.06
N THR A 71 5.02 19.82 28.70
CA THR A 71 6.31 19.32 29.15
C THR A 71 6.70 18.01 28.49
N VAL A 72 5.80 17.03 28.47
CA VAL A 72 6.01 15.80 27.72
C VAL A 72 4.80 15.58 26.83
N ILE A 73 4.99 14.77 25.80
CA ILE A 73 3.89 14.19 25.05
C ILE A 73 3.72 12.76 25.53
N ASN A 74 2.53 12.40 26.02
CA ASN A 74 2.26 11.02 26.41
C ASN A 74 1.65 10.30 25.22
N LEU A 75 2.37 9.33 24.67
CA LEU A 75 2.01 8.71 23.40
C LEU A 75 0.88 7.69 23.55
N THR A 76 0.11 7.53 22.48
CA THR A 76 -0.86 6.46 22.33
C THR A 76 -0.62 5.81 20.96
N GLU A 77 -1.37 4.75 20.66
CA GLU A 77 -1.37 4.26 19.28
C GLU A 77 -2.05 5.28 18.38
N LEU A 78 -1.86 5.12 17.07
CA LEU A 78 -2.37 6.11 16.12
C LEU A 78 -3.88 6.26 16.19
N ASP A 79 -4.60 5.17 16.49
CA ASP A 79 -6.06 5.26 16.62
C ASP A 79 -6.54 5.80 17.98
N GLY A 80 -5.64 6.07 18.91
CA GLY A 80 -6.03 6.50 20.24
C GLY A 80 -5.96 5.42 21.29
N THR A 81 -5.77 4.16 20.88
CA THR A 81 -5.60 3.06 21.83
C THR A 81 -4.40 3.34 22.72
N PRO A 82 -4.50 3.05 24.03
CA PRO A 82 -3.37 3.31 24.93
C PRO A 82 -2.13 2.51 24.54
N PHE A 83 -0.97 3.13 24.75
CA PHE A 83 0.31 2.49 24.53
C PHE A 83 0.87 2.08 25.88
N HIS A 84 1.16 0.79 26.03
CA HIS A 84 1.63 0.42 27.37
C HIS A 84 3.15 0.51 27.43
N PRO A 85 3.72 1.06 28.51
CA PRO A 85 5.18 1.13 28.61
C PRO A 85 5.80 -0.23 28.89
N PHE A 86 7.12 -0.30 28.71
CA PHE A 86 7.95 -1.46 29.06
C PHE A 86 7.61 -2.69 28.23
N GLU A 87 7.01 -2.52 27.06
CA GLU A 87 6.63 -3.64 26.21
C GLU A 87 7.38 -3.65 24.89
N GLY A 88 7.41 -2.51 24.19
CA GLY A 88 8.05 -2.45 22.90
C GLY A 88 8.82 -1.17 22.72
N PRO A 89 9.45 -1.01 21.56
CA PRO A 89 10.26 0.20 21.32
C PRO A 89 9.45 1.49 21.32
N ALA A 90 8.24 1.46 20.76
CA ALA A 90 7.44 2.66 20.46
C ALA A 90 6.08 2.19 19.96
N PRO A 91 5.08 3.07 19.82
CA PRO A 91 3.80 2.62 19.24
C PRO A 91 3.98 2.21 17.78
N ILE A 92 2.99 1.48 17.26
CA ILE A 92 3.01 1.10 15.84
C ILE A 92 3.15 2.36 15.00
N GLY A 93 4.06 2.32 14.02
CA GLY A 93 4.25 3.40 13.06
C GLY A 93 5.18 4.50 13.49
N PHE A 94 5.69 4.47 14.71
CA PHE A 94 6.54 5.54 15.22
C PHE A 94 7.81 5.65 14.35
N PRO A 95 8.27 6.87 14.07
CA PRO A 95 9.43 7.01 13.16
C PRO A 95 10.67 6.29 13.68
N ASP A 96 11.43 5.69 12.76
CA ASP A 96 12.60 4.93 13.18
C ASP A 96 13.89 5.48 12.57
N LEU A 97 13.88 6.75 12.18
CA LEU A 97 15.07 7.38 11.59
C LEU A 97 15.97 7.87 12.70
N GLY A 98 17.10 7.18 12.88
CA GLY A 98 18.16 7.66 13.74
C GLY A 98 19.07 8.59 12.95
N GLY A 99 20.03 9.16 13.67
CA GLY A 99 21.03 10.02 13.06
C GLY A 99 20.52 11.32 12.49
N CYS A 100 19.46 11.89 13.08
CA CYS A 100 18.95 13.15 12.57
C CYS A 100 18.01 13.76 13.61
N ASP A 101 17.74 15.05 13.45
CA ASP A 101 16.64 15.70 14.15
C ASP A 101 15.40 15.55 13.29
N TRP A 102 14.24 15.35 13.93
CA TRP A 102 12.99 15.23 13.21
C TRP A 102 12.22 16.54 13.29
N HIS A 103 11.49 16.83 12.21
CA HIS A 103 10.54 17.93 12.22
C HIS A 103 9.20 17.36 11.80
N ILE A 104 8.27 17.31 12.76
CA ILE A 104 7.00 16.60 12.63
C ILE A 104 5.89 17.64 12.47
N ASN A 105 5.02 17.43 11.47
CA ASN A 105 3.89 18.33 11.28
C ASN A 105 2.73 17.86 12.15
N MET A 106 2.34 18.69 13.14
CA MET A 106 1.31 18.33 14.11
C MET A 106 -0.02 18.98 13.74
N THR A 107 -1.08 18.18 13.70
CA THR A 107 -2.42 18.67 13.46
C THR A 107 -3.36 18.09 14.51
N GLN A 108 -4.61 18.55 14.50
CA GLN A 108 -5.58 18.12 15.48
C GLN A 108 -6.93 17.84 14.82
N PHE A 109 -7.64 16.87 15.37
CA PHE A 109 -9.04 16.66 14.97
C PHE A 109 -9.91 17.68 15.70
N GLY A 110 -10.58 18.54 14.95
CA GLY A 110 -11.45 19.54 15.55
C GLY A 110 -10.85 20.92 15.76
N HIS A 111 -9.60 21.14 15.35
CA HIS A 111 -8.99 22.45 15.48
C HIS A 111 -8.29 22.84 14.20
N SER A 112 -8.13 24.14 13.99
CA SER A 112 -7.41 24.65 12.85
C SER A 112 -5.91 24.52 13.07
N SER A 113 -5.18 24.75 11.97
CA SER A 113 -3.74 24.98 11.91
C SER A 113 -2.84 23.78 12.18
N GLN A 114 -1.55 23.97 11.89
CA GLN A 114 -0.52 22.96 12.02
C GLN A 114 0.63 23.57 12.81
N THR A 115 1.41 22.71 13.46
CA THR A 115 2.53 23.14 14.28
C THR A 115 3.72 22.27 13.95
N GLN A 116 4.87 22.89 13.75
CA GLN A 116 6.11 22.13 13.59
C GLN A 116 6.67 21.74 14.96
N TYR A 117 6.90 20.45 15.15
CA TYR A 117 7.42 19.86 16.38
C TYR A 117 8.84 19.34 16.10
N ASP A 118 9.82 19.92 16.77
CA ASP A 118 11.24 19.63 16.52
C ASP A 118 11.74 18.65 17.56
N VAL A 119 12.26 17.52 17.09
CA VAL A 119 12.59 16.39 17.95
C VAL A 119 14.07 16.09 17.84
N ASP A 120 14.78 16.31 18.94
CA ASP A 120 16.06 15.70 19.22
C ASP A 120 15.77 14.33 19.83
N THR A 121 16.28 13.26 19.21
CA THR A 121 16.01 11.92 19.69
C THR A 121 17.09 11.42 20.65
N THR A 122 18.12 12.22 20.93
CA THR A 122 19.21 11.75 21.78
C THR A 122 19.02 11.88 23.29
N PRO A 123 18.29 12.86 23.84
CA PRO A 123 18.32 13.06 25.31
C PRO A 123 17.43 12.07 26.06
N ASP A 124 17.63 12.04 27.38
CA ASP A 124 16.93 11.13 28.28
C ASP A 124 15.44 11.44 28.38
N THR A 125 14.98 12.58 27.90
CA THR A 125 13.54 12.82 27.88
C THR A 125 12.88 12.15 26.68
N PHE A 126 13.64 11.64 25.73
CA PHE A 126 13.08 10.93 24.57
C PHE A 126 12.99 9.45 24.95
N VAL A 127 11.83 9.01 25.40
CA VAL A 127 11.75 7.63 25.88
C VAL A 127 10.46 7.00 25.38
N PRO A 128 10.28 6.90 24.05
CA PRO A 128 9.04 6.31 23.52
C PRO A 128 8.78 4.90 24.03
N HIS A 129 9.82 4.18 24.43
CA HIS A 129 9.64 2.87 25.04
C HIS A 129 8.80 2.96 26.31
N LEU A 130 8.84 4.11 26.99
CA LEU A 130 8.01 4.36 28.16
C LEU A 130 6.78 5.20 27.85
N GLY A 131 6.53 5.50 26.58
CA GLY A 131 5.32 6.23 26.21
C GLY A 131 5.44 7.72 26.31
N SER A 132 6.65 8.26 26.39
CA SER A 132 6.77 9.68 26.67
C SER A 132 7.99 10.26 25.97
N ILE A 133 7.80 11.45 25.43
CA ILE A 133 8.85 12.17 24.71
C ILE A 133 8.66 13.64 25.03
N GLN A 134 9.75 14.41 24.96
CA GLN A 134 9.70 15.80 25.37
C GLN A 134 8.79 16.60 24.44
N ALA A 135 8.07 17.57 25.03
CA ALA A 135 7.15 18.41 24.29
C ALA A 135 7.87 19.49 23.48
N ASN A 136 9.00 19.97 23.99
CA ASN A 136 9.81 21.02 23.36
C ASN A 136 8.94 22.14 22.80
N GLY A 137 8.11 22.73 23.68
CA GLY A 137 7.33 23.90 23.33
C GLY A 137 5.95 23.63 22.74
N ILE A 138 5.64 22.39 22.37
CA ILE A 138 4.29 22.07 21.91
C ILE A 138 3.33 22.26 23.08
N GLY A 139 2.37 23.16 22.91
CA GLY A 139 1.40 23.44 23.96
C GLY A 139 0.45 22.29 24.20
N SER A 140 -0.22 22.36 25.35
CA SER A 140 -1.15 21.31 25.76
C SER A 140 -2.24 21.07 24.72
N GLY A 141 -2.63 19.81 24.59
CA GLY A 141 -3.64 19.40 23.62
C GLY A 141 -3.34 18.01 23.08
N ASN A 142 -4.30 17.52 22.30
CA ASN A 142 -4.16 16.24 21.61
C ASN A 142 -3.73 16.51 20.19
N TYR A 143 -2.72 15.77 19.71
CA TYR A 143 -2.18 15.94 18.37
C TYR A 143 -1.98 14.61 17.69
N VAL A 144 -2.02 14.65 16.35
CA VAL A 144 -1.47 13.64 15.46
C VAL A 144 -0.39 14.31 14.62
N GLY A 145 0.71 13.62 14.38
CA GLY A 145 1.82 14.19 13.64
C GLY A 145 2.37 13.24 12.60
N VAL A 146 2.88 13.81 11.52
CA VAL A 146 3.59 13.04 10.49
C VAL A 146 4.97 13.68 10.29
N LEU A 147 6.00 12.84 10.15
CA LEU A 147 7.33 13.33 9.79
C LEU A 147 7.26 14.14 8.50
N SER A 148 7.85 15.32 8.53
CA SER A 148 7.77 16.25 7.41
C SER A 148 9.12 16.53 6.77
N TRP A 149 10.18 16.78 7.56
CA TRP A 149 11.53 16.95 7.05
C TRP A 149 12.50 16.63 8.19
N ILE A 150 13.79 16.47 7.85
CA ILE A 150 14.82 16.15 8.83
C ILE A 150 15.98 17.13 8.68
N SER A 151 16.82 17.17 9.71
CA SER A 151 18.02 18.01 9.70
C SER A 151 19.12 17.28 10.49
N PRO A 152 20.36 17.77 10.44
CA PRO A 152 21.43 17.13 11.19
C PRO A 152 21.09 17.01 12.65
N PRO A 153 21.53 15.93 13.32
CA PRO A 153 21.21 15.76 14.74
C PRO A 153 21.83 16.85 15.59
N SER A 154 21.07 17.27 16.61
CA SER A 154 21.55 18.30 17.53
C SER A 154 22.77 17.82 18.31
N HIS A 155 22.86 16.52 18.56
CA HIS A 155 23.93 15.89 19.30
C HIS A 155 24.24 14.55 18.67
N PRO A 156 25.53 14.16 18.58
CA PRO A 156 26.68 15.00 18.92
C PRO A 156 26.84 16.17 17.95
N SER A 157 27.26 17.31 18.48
CA SER A 157 27.30 18.55 17.70
C SER A 157 28.18 18.38 16.47
N GLY A 158 27.66 18.82 15.32
CA GLY A 158 28.44 18.78 14.10
C GLY A 158 28.42 17.49 13.32
N SER A 159 27.74 16.45 13.82
CA SER A 159 27.67 15.21 13.07
C SER A 159 26.70 15.35 11.90
N GLN A 160 26.84 14.44 10.94
CA GLN A 160 26.04 14.45 9.73
C GLN A 160 24.79 13.60 9.90
N VAL A 161 23.88 13.72 8.93
CA VAL A 161 22.70 12.87 8.89
C VAL A 161 23.14 11.44 8.59
N ASP A 162 22.59 10.48 9.33
CA ASP A 162 22.96 9.08 9.14
C ASP A 162 21.70 8.21 9.26
N LEU A 163 21.01 8.03 8.14
CA LEU A 163 19.75 7.30 8.14
C LEU A 163 19.91 5.78 8.15
N TRP A 164 21.14 5.26 8.23
CA TRP A 164 21.31 3.84 8.51
C TRP A 164 21.04 3.50 9.97
N LYS A 165 20.94 4.49 10.84
CA LYS A 165 20.72 4.28 12.27
C LYS A 165 19.23 4.26 12.58
N ILE A 166 18.91 3.74 13.77
CA ILE A 166 17.61 3.87 14.42
C ILE A 166 17.78 4.74 15.67
N PRO A 167 16.72 5.36 16.18
CA PRO A 167 16.88 6.18 17.39
C PRO A 167 17.06 5.31 18.63
N ASN A 168 17.48 5.98 19.70
CA ASN A 168 17.58 5.39 21.04
C ASN A 168 16.18 5.47 21.67
N TYR A 169 15.45 4.36 21.61
CA TYR A 169 14.09 4.30 22.15
C TYR A 169 14.06 4.29 23.67
N GLY A 170 15.15 3.85 24.33
CA GLY A 170 15.22 3.78 25.77
C GLY A 170 15.86 5.01 26.37
N SER A 171 16.38 4.85 27.59
CA SER A 171 17.09 5.94 28.23
C SER A 171 18.06 5.35 29.24
N SER A 172 18.66 6.22 30.06
CA SER A 172 19.47 5.72 31.16
C SER A 172 18.64 5.05 32.24
N ILE A 173 17.31 5.19 32.20
CA ILE A 173 16.44 4.49 33.15
C ILE A 173 16.39 3.00 32.83
N THR A 174 16.25 2.66 31.55
CA THR A 174 16.16 1.28 31.10
C THR A 174 16.33 1.24 29.58
N GLU A 175 16.87 0.13 29.10
CA GLU A 175 16.96 -0.07 27.66
C GLU A 175 15.59 -0.48 27.10
N ALA A 176 15.33 -0.09 25.85
CA ALA A 176 14.13 -0.56 25.19
C ALA A 176 14.21 -2.07 24.96
N THR A 177 13.07 -2.73 25.04
CA THR A 177 13.00 -4.18 24.89
C THR A 177 12.17 -4.53 23.66
N HIS A 178 12.35 -5.77 23.21
CA HIS A 178 11.52 -6.37 22.17
C HIS A 178 11.61 -5.61 20.85
N LEU A 179 12.80 -5.11 20.52
CA LEU A 179 13.02 -4.54 19.20
C LEU A 179 13.09 -5.64 18.15
N ALA A 180 12.79 -5.27 16.90
CA ALA A 180 13.08 -6.17 15.80
C ALA A 180 14.58 -6.42 15.72
N PRO A 181 15.03 -7.65 15.52
CA PRO A 181 16.47 -7.94 15.52
C PRO A 181 17.17 -7.37 14.29
N SER A 182 18.51 -7.36 14.35
CA SER A 182 19.31 -6.89 13.22
C SER A 182 19.25 -7.89 12.06
N VAL A 183 19.43 -7.37 10.85
CA VAL A 183 19.56 -8.17 9.64
C VAL A 183 20.97 -7.95 9.07
N TYR A 184 21.58 -9.03 8.60
CA TYR A 184 22.90 -9.07 7.98
C TYR A 184 22.83 -9.92 6.73
N PRO A 185 23.74 -9.72 5.76
CA PRO A 185 23.74 -10.59 4.54
C PRO A 185 24.33 -11.97 4.83
N PRO A 186 23.56 -13.04 4.69
CA PRO A 186 24.11 -14.36 5.09
C PRO A 186 25.02 -15.03 4.07
N GLY A 187 25.00 -14.63 2.80
CA GLY A 187 25.73 -15.36 1.77
C GLY A 187 27.11 -14.81 1.47
N PHE A 188 27.81 -15.54 0.59
CA PHE A 188 29.19 -15.23 0.23
C PHE A 188 29.24 -14.01 -0.67
N GLY A 189 30.00 -12.99 -0.27
CA GLY A 189 30.08 -11.78 -1.05
C GLY A 189 28.80 -10.97 -1.14
N GLU A 190 27.79 -11.28 -0.35
CA GLU A 190 26.50 -10.61 -0.45
C GLU A 190 26.45 -9.35 0.40
N VAL A 191 25.66 -8.38 -0.05
CA VAL A 191 25.42 -7.16 0.69
C VAL A 191 23.91 -6.97 0.71
N LEU A 192 23.42 -6.25 1.73
CA LEU A 192 22.00 -5.92 1.78
C LEU A 192 21.62 -4.97 0.65
N VAL A 193 20.38 -5.11 0.16
CA VAL A 193 19.79 -4.25 -0.86
C VAL A 193 18.79 -3.32 -0.20
N PHE A 194 18.81 -2.04 -0.58
CA PHE A 194 17.92 -1.05 0.01
C PHE A 194 17.13 -0.31 -1.06
N PHE A 195 15.90 0.02 -0.72
CA PHE A 195 15.04 0.87 -1.55
C PHE A 195 15.11 2.28 -0.99
N MET A 196 15.49 3.24 -1.85
CA MET A 196 15.84 4.59 -1.41
C MET A 196 14.78 5.58 -1.85
N SER A 197 14.61 6.61 -1.01
CA SER A 197 13.70 7.73 -1.27
C SER A 197 14.39 9.04 -0.89
N LYS A 198 14.08 10.09 -1.61
CA LYS A 198 14.57 11.43 -1.29
C LYS A 198 13.79 11.99 -0.10
N MET A 199 14.50 12.48 0.90
CA MET A 199 13.84 13.00 2.09
C MET A 199 14.04 14.51 2.15
N PRO A 200 12.99 15.30 2.24
CA PRO A 200 13.15 16.76 2.37
C PRO A 200 13.96 17.16 3.61
N GLY A 201 14.67 18.28 3.48
CA GLY A 201 15.58 18.77 4.50
C GLY A 201 16.76 19.48 3.85
N PRO A 202 17.62 20.11 4.66
CA PRO A 202 18.74 20.90 4.15
C PRO A 202 19.98 20.12 3.72
N GLY A 203 19.76 19.03 2.99
CA GLY A 203 20.85 18.23 2.45
C GLY A 203 20.31 17.31 1.38
N ALA A 204 21.20 16.48 0.83
CA ALA A 204 20.81 15.50 -0.19
C ALA A 204 20.50 14.16 0.46
N TYR A 205 19.36 14.11 1.12
CA TYR A 205 19.00 13.01 2.01
C TYR A 205 18.35 11.85 1.27
N ASN A 206 18.90 10.65 1.47
CA ASN A 206 18.35 9.42 0.90
C ASN A 206 17.99 8.47 2.02
N LEU A 207 16.71 8.12 2.11
CA LEU A 207 16.21 7.25 3.18
C LEU A 207 16.19 5.81 2.68
N PRO A 208 17.00 4.91 3.24
CA PRO A 208 16.94 3.50 2.84
C PRO A 208 15.94 2.70 3.66
N CYS A 209 15.36 1.69 3.01
CA CYS A 209 14.49 0.76 3.70
C CYS A 209 14.69 -0.63 3.11
N LEU A 210 14.24 -1.64 3.84
CA LEU A 210 14.49 -3.02 3.44
C LEU A 210 13.49 -3.56 2.44
N LEU A 211 12.25 -3.04 2.47
CA LEU A 211 11.13 -3.47 1.62
C LEU A 211 10.20 -2.29 1.35
N PRO A 212 9.72 -2.15 0.12
CA PRO A 212 8.64 -1.17 -0.16
C PRO A 212 7.42 -1.47 0.68
N GLN A 213 6.65 -0.42 1.00
CA GLN A 213 5.48 -0.64 1.85
C GLN A 213 4.47 -1.55 1.16
N GLU A 214 4.39 -1.47 -0.17
CA GLU A 214 3.44 -2.29 -0.89
C GLU A 214 3.84 -3.76 -0.91
N TYR A 215 5.14 -4.05 -0.80
CA TYR A 215 5.54 -5.46 -0.61
C TYR A 215 5.02 -5.98 0.72
N ILE A 216 5.06 -5.13 1.75
CA ILE A 216 4.68 -5.56 3.09
C ILE A 216 3.20 -5.91 3.15
N SER A 217 2.34 -5.00 2.66
CA SER A 217 0.91 -5.31 2.68
C SER A 217 0.58 -6.51 1.80
N HIS A 218 1.37 -6.74 0.76
CA HIS A 218 1.18 -7.90 -0.11
C HIS A 218 1.54 -9.19 0.65
N LEU A 219 2.71 -9.20 1.33
CA LEU A 219 3.11 -10.40 2.07
C LEU A 219 2.19 -10.65 3.25
N ALA A 220 1.83 -9.58 3.97
CA ALA A 220 0.95 -9.75 5.13
C ALA A 220 -0.40 -10.31 4.70
N SER A 221 -0.80 -10.05 3.45
CA SER A 221 -2.05 -10.58 2.93
C SER A 221 -1.89 -11.99 2.37
N GLU A 222 -0.84 -12.23 1.59
CA GLU A 222 -0.69 -13.53 0.93
C GLU A 222 -0.34 -14.61 1.92
N GLN A 223 0.57 -14.31 2.86
CA GLN A 223 0.98 -15.26 3.90
C GLN A 223 1.40 -16.60 3.32
N ALA A 224 2.20 -16.53 2.26
CA ALA A 224 2.68 -17.74 1.60
C ALA A 224 3.68 -18.46 2.49
N PRO A 225 3.52 -19.75 2.73
CA PRO A 225 4.50 -20.49 3.53
C PRO A 225 5.90 -20.34 2.93
N THR A 226 6.86 -20.06 3.82
CA THR A 226 8.27 -20.00 3.44
C THR A 226 8.79 -21.42 3.40
N VAL A 227 8.71 -22.06 2.24
CA VAL A 227 9.05 -23.49 2.17
C VAL A 227 10.55 -23.72 1.99
N GLY A 228 11.32 -22.70 1.58
CA GLY A 228 12.74 -22.85 1.38
C GLY A 228 13.57 -21.88 2.21
N GLU A 229 14.90 -21.97 2.04
CA GLU A 229 15.81 -21.16 2.83
C GLU A 229 16.03 -19.76 2.28
N ALA A 230 15.78 -19.55 0.99
CA ALA A 230 15.95 -18.25 0.38
C ALA A 230 15.16 -18.25 -0.92
N ALA A 231 14.70 -17.06 -1.31
CA ALA A 231 13.87 -16.89 -2.50
C ALA A 231 14.72 -16.29 -3.61
N LEU A 232 14.98 -17.08 -4.66
CA LEU A 232 15.73 -16.57 -5.81
C LEU A 232 14.83 -15.64 -6.62
N LEU A 233 15.35 -14.45 -6.92
CA LEU A 233 14.57 -13.46 -7.63
C LEU A 233 15.33 -12.99 -8.86
N HIS A 234 14.57 -12.59 -9.88
CA HIS A 234 15.12 -11.80 -10.98
C HIS A 234 14.57 -10.39 -10.88
N TYR A 235 15.43 -9.40 -11.15
CA TYR A 235 15.01 -8.03 -11.38
C TYR A 235 14.87 -7.85 -12.90
N VAL A 236 13.65 -7.61 -13.37
CA VAL A 236 13.31 -7.72 -14.79
C VAL A 236 13.03 -6.33 -15.37
N ASP A 237 13.64 -6.04 -16.51
CA ASP A 237 13.37 -4.81 -17.25
C ASP A 237 12.08 -4.95 -18.03
N PRO A 238 11.08 -4.11 -17.80
CA PRO A 238 9.78 -4.28 -18.48
C PRO A 238 9.82 -3.93 -19.96
N ASP A 239 10.80 -3.16 -20.40
CA ASP A 239 10.91 -2.83 -21.82
C ASP A 239 11.34 -4.04 -22.63
N THR A 240 12.49 -4.63 -22.28
CA THR A 240 13.05 -5.75 -23.04
C THR A 240 12.67 -7.11 -22.50
N GLY A 241 12.27 -7.20 -21.23
CA GLY A 241 12.10 -8.49 -20.59
C GLY A 241 13.38 -9.12 -20.12
N ARG A 242 14.51 -8.42 -20.23
CA ARG A 242 15.80 -8.95 -19.82
C ARG A 242 15.91 -9.07 -18.31
N ASN A 243 16.67 -10.07 -17.87
CA ASN A 243 17.00 -10.24 -16.46
C ASN A 243 18.20 -9.34 -16.17
N LEU A 244 17.99 -8.32 -15.34
CA LEU A 244 19.04 -7.38 -15.00
C LEU A 244 19.93 -7.85 -13.84
N GLY A 245 19.56 -8.91 -13.15
CA GLY A 245 20.35 -9.41 -12.04
C GLY A 245 19.55 -10.39 -11.21
N GLU A 246 20.23 -11.36 -10.59
CA GLU A 246 19.57 -12.28 -9.67
C GLU A 246 19.83 -11.80 -8.24
N PHE A 247 18.82 -11.97 -7.40
CA PHE A 247 18.83 -11.50 -6.02
C PHE A 247 18.33 -12.65 -5.15
N LYS A 248 18.58 -12.56 -3.86
CA LYS A 248 18.04 -13.51 -2.90
C LYS A 248 17.25 -12.76 -1.83
N ALA A 249 16.03 -13.22 -1.58
CA ALA A 249 15.22 -12.74 -0.48
C ALA A 249 15.23 -13.80 0.62
N TYR A 250 15.51 -13.38 1.83
CA TYR A 250 15.61 -14.27 2.96
C TYR A 250 14.33 -14.23 3.79
N PRO A 251 14.05 -15.28 4.57
CA PRO A 251 12.76 -15.34 5.27
C PRO A 251 12.54 -14.20 6.27
N ASP A 252 13.60 -13.63 6.86
CA ASP A 252 13.39 -12.52 7.80
C ASP A 252 12.89 -11.26 7.11
N GLY A 253 12.93 -11.21 5.77
CA GLY A 253 12.29 -10.17 5.00
C GLY A 253 13.20 -9.10 4.43
N PHE A 254 14.29 -9.52 3.79
CA PHE A 254 15.21 -8.58 3.16
C PHE A 254 15.85 -9.24 1.94
N LEU A 255 16.49 -8.40 1.11
CA LEU A 255 17.09 -8.87 -0.13
C LEU A 255 18.59 -8.69 -0.06
N THR A 256 19.33 -9.55 -0.79
CA THR A 256 20.76 -9.41 -0.96
C THR A 256 21.13 -9.56 -2.42
N CYS A 257 22.31 -9.09 -2.76
CA CYS A 257 22.89 -9.30 -4.08
C CYS A 257 24.39 -9.35 -3.90
N VAL A 258 25.08 -9.76 -4.96
CA VAL A 258 26.53 -9.65 -5.04
C VAL A 258 26.83 -8.46 -5.94
N PRO A 259 27.47 -7.40 -5.46
CA PRO A 259 27.70 -6.23 -6.31
C PRO A 259 28.72 -6.50 -7.40
N ASN A 260 28.57 -5.81 -8.52
CA ASN A 260 29.59 -5.88 -9.58
C ASN A 260 30.77 -5.01 -9.22
N GLY A 265 26.99 -1.02 -10.78
CA GLY A 265 26.47 -2.13 -10.02
C GLY A 265 24.98 -2.03 -9.74
N PRO A 266 24.54 -2.62 -8.61
CA PRO A 266 23.11 -2.50 -8.24
C PRO A 266 22.62 -1.06 -8.05
N GLN A 267 23.47 -0.18 -7.51
CA GLN A 267 23.06 1.21 -7.34
C GLN A 267 22.71 1.88 -8.66
N GLN A 268 23.35 1.45 -9.75
CA GLN A 268 23.10 1.99 -11.08
C GLN A 268 21.99 1.26 -11.83
N LEU A 269 21.23 0.39 -11.16
CA LEU A 269 20.12 -0.27 -11.80
C LEU A 269 18.96 0.72 -11.99
N PRO A 270 18.18 0.56 -13.06
CA PRO A 270 17.02 1.44 -13.26
C PRO A 270 15.94 1.13 -12.24
N ILE A 271 15.09 2.12 -11.97
CA ILE A 271 14.07 1.97 -10.94
C ILE A 271 12.72 1.53 -11.52
N ASN A 272 12.63 1.36 -12.84
CA ASN A 272 11.36 0.99 -13.46
C ASN A 272 11.18 -0.52 -13.61
N GLY A 273 11.99 -1.34 -12.93
CA GLY A 273 11.92 -2.78 -13.07
C GLY A 273 10.98 -3.44 -12.06
N VAL A 274 10.89 -4.75 -12.17
CA VAL A 274 10.00 -5.53 -11.30
C VAL A 274 10.78 -6.75 -10.80
N PHE A 275 10.66 -7.03 -9.50
CA PHE A 275 11.19 -8.25 -8.90
C PHE A 275 10.23 -9.40 -9.14
N VAL A 276 10.74 -10.51 -9.68
CA VAL A 276 9.93 -11.69 -9.96
C VAL A 276 10.55 -12.89 -9.25
N PHE A 277 9.73 -13.63 -8.51
CA PHE A 277 10.19 -14.85 -7.87
C PHE A 277 10.48 -15.93 -8.89
N VAL A 278 11.59 -16.64 -8.70
CA VAL A 278 12.03 -17.71 -9.59
C VAL A 278 11.83 -19.07 -8.95
N SER A 279 12.47 -19.32 -7.79
CA SER A 279 12.39 -20.61 -7.12
C SER A 279 13.01 -20.46 -5.73
N TRP A 280 12.78 -21.47 -4.89
CA TRP A 280 13.43 -21.56 -3.58
C TRP A 280 14.79 -22.19 -3.75
N VAL A 281 15.81 -21.60 -3.13
CA VAL A 281 17.19 -22.04 -3.26
C VAL A 281 17.82 -22.12 -1.88
N SER A 282 19.05 -22.63 -1.84
CA SER A 282 19.76 -22.76 -0.59
C SER A 282 20.14 -21.39 -0.02
N ARG A 283 20.29 -21.36 1.30
CA ARG A 283 20.80 -20.16 1.95
C ARG A 283 22.14 -19.72 1.35
N PHE A 284 22.93 -20.67 0.89
CA PHE A 284 24.27 -20.41 0.37
C PHE A 284 24.34 -20.50 -1.16
N TYR A 285 23.22 -20.31 -1.84
CA TYR A 285 23.25 -20.20 -3.30
C TYR A 285 24.14 -19.02 -3.70
N GLN A 286 25.12 -19.28 -4.57
CA GLN A 286 26.11 -18.26 -4.94
C GLN A 286 25.54 -17.42 -6.08
N LEU A 287 25.31 -16.15 -5.79
CA LEU A 287 24.74 -15.23 -6.74
C LEU A 287 25.80 -14.76 -7.71
N LYS A 288 25.40 -14.53 -8.93
CA LYS A 288 26.38 -13.90 -9.78
C LYS A 288 26.26 -12.37 -9.69
N PRO A 289 27.39 -11.66 -9.81
CA PRO A 289 27.37 -10.20 -9.63
C PRO A 289 26.36 -9.51 -10.53
N VAL A 290 25.68 -8.51 -9.97
CA VAL A 290 24.66 -7.77 -10.73
C VAL A 290 25.29 -7.11 -11.96
N GLY A 291 24.91 -7.59 -13.15
CA GLY A 291 25.51 -7.12 -14.39
C GLY A 291 26.51 -8.10 -14.96
N THR A 292 27.61 -8.30 -14.25
CA THR A 292 28.65 -9.26 -14.63
C THR A 292 28.13 -10.69 -14.57
N THR B 2 -6.98 -18.40 -16.47
CA THR B 2 -7.58 -17.18 -15.95
C THR B 2 -7.26 -16.99 -14.48
N ARG B 3 -6.55 -15.92 -14.18
CA ARG B 3 -6.17 -15.62 -12.80
C ARG B 3 -7.41 -15.31 -11.98
N PRO B 4 -7.64 -15.98 -10.86
CA PRO B 4 -8.87 -15.74 -10.08
C PRO B 4 -8.87 -14.37 -9.43
N PHE B 5 -10.07 -13.82 -9.27
CA PHE B 5 -10.23 -12.51 -8.63
C PHE B 5 -10.10 -12.64 -7.11
N THR B 6 -9.33 -11.74 -6.47
CA THR B 6 -9.25 -11.74 -5.00
C THR B 6 -9.27 -10.30 -4.52
N LEU B 7 -9.52 -10.17 -3.23
CA LEU B 7 -9.31 -8.94 -2.49
C LEU B 7 -8.33 -9.21 -1.35
N PRO B 8 -7.61 -8.20 -0.87
CA PRO B 8 -6.61 -8.45 0.16
C PRO B 8 -7.19 -9.14 1.39
N ASN B 9 -6.40 -10.06 1.94
CA ASN B 9 -6.71 -10.79 3.16
C ASN B 9 -6.22 -9.97 4.37
N LEU B 10 -6.83 -8.79 4.54
CA LEU B 10 -6.45 -7.84 5.57
C LEU B 10 -7.71 -7.16 6.10
N PRO B 11 -7.75 -6.82 7.40
CA PRO B 11 -8.92 -6.14 7.94
C PRO B 11 -8.96 -4.67 7.54
N LEU B 12 -10.19 -4.17 7.35
CA LEU B 12 -10.39 -2.81 6.82
C LEU B 12 -9.74 -1.77 7.70
N SER B 13 -9.80 -1.96 9.02
CA SER B 13 -9.27 -0.99 9.97
C SER B 13 -7.77 -0.83 9.86
N SER B 14 -7.08 -1.73 9.18
CA SER B 14 -5.64 -1.55 9.03
C SER B 14 -5.27 -0.91 7.70
N LEU B 15 -6.26 -0.52 6.89
CA LEU B 15 -6.04 0.01 5.55
C LEU B 15 -6.15 1.54 5.58
N SER B 16 -5.94 2.13 4.41
CA SER B 16 -5.88 3.57 4.26
C SER B 16 -6.93 4.07 3.27
N ASN B 17 -7.39 5.30 3.52
CA ASN B 17 -8.16 6.05 2.54
C ASN B 17 -7.35 6.22 1.24
N SER B 18 -8.07 6.40 0.13
CA SER B 18 -7.42 6.62 -1.14
C SER B 18 -7.48 8.07 -1.62
N ARG B 19 -8.10 8.96 -0.85
CA ARG B 19 -8.12 10.37 -1.21
C ARG B 19 -7.22 11.20 -0.29
N ALA B 20 -6.67 10.60 0.76
CA ALA B 20 -5.70 11.26 1.63
C ALA B 20 -5.02 10.18 2.45
N PRO B 21 -3.78 10.41 2.90
CA PRO B 21 -3.07 9.33 3.63
C PRO B 21 -3.53 9.23 5.09
N LEU B 22 -4.72 8.67 5.26
CA LEU B 22 -5.37 8.54 6.56
C LEU B 22 -5.91 7.15 6.80
N PRO B 23 -5.83 6.67 8.04
CA PRO B 23 -6.45 5.38 8.40
C PRO B 23 -7.95 5.36 8.11
N ILE B 24 -8.45 4.20 7.70
CA ILE B 24 -9.88 3.95 7.66
C ILE B 24 -10.43 3.77 9.07
N SER B 25 -11.49 4.50 9.41
CA SER B 25 -12.12 4.36 10.72
C SER B 25 -13.57 3.92 10.68
N SER B 26 -14.24 3.92 9.51
CA SER B 26 -15.61 3.42 9.48
C SER B 26 -16.05 3.15 8.04
N ILE B 27 -17.22 2.52 7.93
CA ILE B 27 -17.97 2.36 6.68
C ILE B 27 -19.13 3.33 6.71
N GLY B 28 -19.47 3.89 5.55
CA GLY B 28 -20.60 4.80 5.49
C GLY B 28 -21.26 4.83 4.13
N ILE B 29 -22.41 5.49 4.09
CA ILE B 29 -23.19 5.73 2.88
C ILE B 29 -23.35 7.24 2.72
N SER B 30 -23.75 7.65 1.51
CA SER B 30 -23.84 9.08 1.26
C SER B 30 -25.18 9.64 1.75
N PRO B 31 -25.23 10.92 2.09
CA PRO B 31 -26.50 11.57 2.46
C PRO B 31 -27.46 11.63 1.28
N ASP B 32 -28.72 11.93 1.62
CA ASP B 32 -29.80 11.99 0.63
C ASP B 32 -29.51 13.01 -0.47
N ASN B 33 -28.85 14.11 -0.14
CA ASN B 33 -28.56 15.17 -1.11
C ASN B 33 -27.45 14.79 -2.10
N VAL B 34 -26.82 13.63 -1.95
CA VAL B 34 -25.75 13.16 -2.82
C VAL B 34 -26.25 11.97 -3.64
N GLN B 35 -26.33 12.14 -4.96
CA GLN B 35 -26.74 11.07 -5.84
C GLN B 35 -25.56 10.39 -6.51
N SER B 36 -24.66 11.17 -7.11
CA SER B 36 -23.46 10.63 -7.75
C SER B 36 -22.21 11.24 -7.12
N VAL B 37 -21.10 10.55 -7.31
CA VAL B 37 -19.80 11.07 -6.91
C VAL B 37 -18.86 10.89 -8.08
N GLN B 38 -17.87 11.77 -8.17
CA GLN B 38 -16.91 11.75 -9.27
C GLN B 38 -15.51 11.94 -8.73
N PHE B 39 -15.17 11.16 -7.70
CA PHE B 39 -13.83 11.22 -7.12
C PHE B 39 -12.80 10.93 -8.20
N GLN B 40 -11.66 11.63 -8.14
CA GLN B 40 -10.61 11.41 -9.12
C GLN B 40 -9.49 10.56 -8.57
N ASN B 41 -9.31 10.53 -7.25
CA ASN B 41 -8.41 9.57 -6.62
C ASN B 41 -9.23 8.40 -6.08
N GLY B 42 -8.55 7.28 -5.84
CA GLY B 42 -9.23 6.09 -5.40
C GLY B 42 -10.10 5.44 -6.47
N ARG B 43 -9.68 5.52 -7.72
CA ARG B 43 -10.46 5.02 -8.86
C ARG B 43 -9.64 3.94 -9.56
N CYS B 44 -10.12 2.69 -9.48
CA CYS B 44 -9.41 1.55 -10.06
C CYS B 44 -10.42 0.48 -10.48
N THR B 45 -10.31 -0.03 -11.71
CA THR B 45 -11.19 -1.10 -12.14
C THR B 45 -10.86 -2.40 -11.40
N LEU B 46 -11.75 -3.38 -11.53
CA LEU B 46 -11.50 -4.64 -10.85
C LEU B 46 -10.38 -5.45 -11.50
N ASP B 47 -10.06 -5.20 -12.77
CA ASP B 47 -8.89 -5.84 -13.38
C ASP B 47 -7.66 -4.94 -13.30
N GLY B 48 -7.68 -3.93 -12.44
CA GLY B 48 -6.48 -3.22 -12.06
C GLY B 48 -6.10 -2.01 -12.88
N ARG B 49 -7.04 -1.38 -13.57
CA ARG B 49 -6.74 -0.22 -14.41
C ARG B 49 -7.01 1.06 -13.66
N LEU B 50 -5.99 1.89 -13.49
CA LEU B 50 -6.08 3.17 -12.82
C LEU B 50 -6.70 4.24 -13.71
N VAL B 51 -7.62 5.02 -13.15
CA VAL B 51 -8.22 6.15 -13.86
C VAL B 51 -8.22 7.39 -12.97
N GLY B 52 -8.55 8.53 -13.58
CA GLY B 52 -8.44 9.80 -12.90
C GLY B 52 -6.99 10.15 -12.63
N THR B 53 -6.75 10.71 -11.44
CA THR B 53 -5.40 11.02 -10.97
C THR B 53 -4.87 9.93 -10.04
N THR B 54 -5.57 8.79 -9.96
CA THR B 54 -5.28 7.75 -8.98
C THR B 54 -3.90 7.14 -9.18
N PRO B 55 -3.04 7.16 -8.16
CA PRO B 55 -1.75 6.45 -8.22
C PRO B 55 -1.85 5.04 -7.65
N VAL B 56 -0.80 4.25 -7.90
CA VAL B 56 -0.68 2.91 -7.32
C VAL B 56 -0.53 2.99 -5.80
N SER B 57 0.27 3.95 -5.32
CA SER B 57 0.82 3.96 -3.97
C SER B 57 0.29 5.14 -3.17
N LEU B 58 0.10 4.93 -1.86
CA LEU B 58 -0.32 6.02 -0.99
C LEU B 58 0.71 7.14 -0.95
N SER B 59 1.99 6.86 -1.25
CA SER B 59 3.00 7.90 -1.18
C SER B 59 2.80 9.00 -2.22
N HIS B 60 1.87 8.83 -3.16
CA HIS B 60 1.58 9.88 -4.11
C HIS B 60 0.25 10.60 -3.83
N VAL B 61 -0.55 10.11 -2.90
CA VAL B 61 -1.95 10.54 -2.77
C VAL B 61 -2.04 11.89 -2.06
N ALA B 62 -2.78 12.83 -2.65
CA ALA B 62 -3.06 14.15 -2.07
C ALA B 62 -1.78 14.97 -1.89
N LYS B 63 -0.90 14.89 -2.89
CA LYS B 63 0.34 15.63 -2.92
C LYS B 63 0.38 16.53 -4.16
N ILE B 64 1.21 17.58 -4.07
CA ILE B 64 1.46 18.44 -5.22
C ILE B 64 2.97 18.65 -5.36
N ARG B 65 3.38 19.05 -6.55
CA ARG B 65 4.78 19.31 -6.81
C ARG B 65 4.87 20.41 -7.85
N GLY B 66 5.71 21.40 -7.63
CA GLY B 66 5.79 22.45 -8.61
C GLY B 66 6.78 23.51 -8.21
N THR B 67 6.94 24.48 -9.11
CA THR B 67 7.79 25.63 -8.90
C THR B 67 6.93 26.88 -8.82
N SER B 68 7.02 27.59 -7.70
CA SER B 68 6.37 28.88 -7.55
C SER B 68 7.25 29.98 -8.10
N ASN B 69 6.63 30.96 -8.76
CA ASN B 69 7.30 32.21 -9.08
C ASN B 69 6.76 33.36 -8.25
N GLY B 70 6.18 33.05 -7.08
CA GLY B 70 5.54 34.03 -6.25
C GLY B 70 4.14 34.40 -6.69
N THR B 71 3.77 34.08 -7.93
CA THR B 71 2.45 34.41 -8.47
C THR B 71 1.63 33.17 -8.76
N VAL B 72 2.21 32.18 -9.45
CA VAL B 72 1.57 30.89 -9.62
C VAL B 72 2.56 29.80 -9.20
N ILE B 73 2.00 28.64 -8.91
CA ILE B 73 2.78 27.41 -8.84
C ILE B 73 2.57 26.69 -10.17
N ASN B 74 3.67 26.42 -10.87
CA ASN B 74 3.64 25.66 -12.13
C ASN B 74 3.79 24.19 -11.75
N LEU B 75 2.72 23.42 -11.91
CA LEU B 75 2.67 22.06 -11.39
C LEU B 75 3.45 21.11 -12.29
N THR B 76 4.03 20.07 -11.68
CA THR B 76 4.64 18.95 -12.38
C THR B 76 4.10 17.67 -11.77
N GLU B 77 4.51 16.52 -12.33
CA GLU B 77 4.28 15.27 -11.64
C GLU B 77 5.16 15.22 -10.39
N LEU B 78 4.85 14.29 -9.49
CA LEU B 78 5.59 14.29 -8.21
C LEU B 78 7.09 14.08 -8.41
N ASP B 79 7.50 13.31 -9.42
CA ASP B 79 8.94 13.12 -9.62
C ASP B 79 9.60 14.26 -10.39
N GLY B 80 8.85 15.29 -10.78
CA GLY B 80 9.38 16.40 -11.55
C GLY B 80 9.06 16.35 -13.03
N THR B 81 8.47 15.25 -13.50
CA THR B 81 8.11 15.11 -14.92
C THR B 81 7.09 16.19 -15.31
N PRO B 82 7.26 16.83 -16.46
CA PRO B 82 6.33 17.89 -16.85
C PRO B 82 4.90 17.37 -16.95
N PHE B 83 3.96 18.25 -16.59
CA PHE B 83 2.54 18.02 -16.73
C PHE B 83 2.06 18.93 -17.87
N HIS B 84 1.52 18.32 -18.92
CA HIS B 84 1.09 19.16 -20.04
C HIS B 84 -0.37 19.59 -19.90
N PRO B 85 -0.71 20.82 -20.29
CA PRO B 85 -2.10 21.28 -20.19
C PRO B 85 -3.01 20.56 -21.19
N PHE B 86 -4.32 20.69 -20.95
CA PHE B 86 -5.41 20.21 -21.83
C PHE B 86 -5.42 18.69 -22.01
N GLU B 87 -4.86 17.93 -21.07
CA GLU B 87 -4.84 16.48 -21.20
C GLU B 87 -5.68 15.78 -20.14
N GLY B 88 -5.51 16.17 -18.87
CA GLY B 88 -6.26 15.57 -17.80
C GLY B 88 -6.63 16.58 -16.73
N PRO B 89 -7.29 16.10 -15.66
CA PRO B 89 -7.73 17.02 -14.59
C PRO B 89 -6.60 17.73 -13.86
N ALA B 90 -5.50 17.01 -13.57
CA ALA B 90 -4.40 17.45 -12.72
C ALA B 90 -3.34 16.37 -12.79
N PRO B 91 -2.13 16.60 -12.27
CA PRO B 91 -1.14 15.51 -12.22
C PRO B 91 -1.60 14.37 -11.31
N ILE B 92 -0.92 13.22 -11.46
CA ILE B 92 -1.21 12.06 -10.63
C ILE B 92 -1.08 12.42 -9.16
N GLY B 93 -2.09 12.04 -8.37
CA GLY B 93 -2.07 12.22 -6.92
C GLY B 93 -2.57 13.56 -6.42
N PHE B 94 -2.89 14.47 -7.33
CA PHE B 94 -3.32 15.82 -6.95
C PHE B 94 -4.57 15.72 -6.08
N PRO B 95 -4.69 16.53 -5.03
CA PRO B 95 -5.85 16.39 -4.13
C PRO B 95 -7.16 16.60 -4.89
N ASP B 96 -8.16 15.78 -4.56
CA ASP B 96 -9.45 15.84 -5.23
C ASP B 96 -10.58 16.17 -4.26
N LEU B 97 -10.27 16.82 -3.13
CA LEU B 97 -11.30 17.17 -2.16
C LEU B 97 -11.93 18.50 -2.57
N GLY B 98 -13.17 18.45 -3.04
CA GLY B 98 -13.95 19.64 -3.28
C GLY B 98 -14.65 20.08 -2.00
N GLY B 99 -15.33 21.21 -2.10
CA GLY B 99 -16.13 21.67 -0.98
C GLY B 99 -15.34 22.01 0.26
N CYS B 100 -14.12 22.51 0.09
CA CYS B 100 -13.31 22.92 1.24
C CYS B 100 -12.12 23.72 0.73
N ASP B 101 -11.51 24.46 1.66
CA ASP B 101 -10.20 25.06 1.46
C ASP B 101 -9.14 24.08 1.92
N TRP B 102 -8.01 24.06 1.22
CA TRP B 102 -6.91 23.16 1.56
C TRP B 102 -5.81 23.89 2.29
N HIS B 103 -5.16 23.18 3.21
CA HIS B 103 -3.93 23.68 3.83
C HIS B 103 -2.87 22.62 3.64
N ILE B 104 -1.88 22.94 2.82
CA ILE B 104 -0.91 21.97 2.34
C ILE B 104 0.44 22.27 2.98
N ASN B 105 1.08 21.23 3.50
CA ASN B 105 2.40 21.39 4.08
C ASN B 105 3.46 21.30 2.98
N MET B 106 4.17 22.40 2.75
CA MET B 106 5.16 22.49 1.68
C MET B 106 6.57 22.36 2.25
N THR B 107 7.37 21.46 1.66
CA THR B 107 8.77 21.25 2.03
C THR B 107 9.61 21.27 0.76
N GLN B 108 10.93 21.24 0.93
CA GLN B 108 11.83 21.32 -0.20
C GLN B 108 12.97 20.33 -0.02
N PHE B 109 13.42 19.81 -1.15
CA PHE B 109 14.65 19.02 -1.19
C PHE B 109 15.83 19.97 -1.21
N GLY B 110 16.67 19.89 -0.19
CA GLY B 110 17.84 20.72 -0.13
C GLY B 110 17.68 22.00 0.67
N HIS B 111 16.50 22.24 1.25
CA HIS B 111 16.28 23.40 2.11
C HIS B 111 15.57 22.99 3.39
N SER B 112 15.77 23.81 4.42
CA SER B 112 15.11 23.62 5.70
C SER B 112 13.67 24.11 5.65
N SER B 113 12.94 23.78 6.72
CA SER B 113 11.62 24.31 7.07
C SER B 113 10.46 23.80 6.23
N GLN B 114 9.25 24.10 6.73
CA GLN B 114 7.99 23.77 6.08
C GLN B 114 7.16 25.04 6.04
N THR B 115 6.26 25.13 5.06
CA THR B 115 5.40 26.30 4.90
C THR B 115 3.98 25.82 4.64
N GLN B 116 3.02 26.44 5.34
CA GLN B 116 1.61 26.13 5.11
C GLN B 116 1.10 26.89 3.88
N TYR B 117 0.51 26.16 2.94
CA TYR B 117 0.01 26.75 1.69
C TYR B 117 -1.51 26.68 1.71
N ASP B 118 -2.17 27.84 1.67
CA ASP B 118 -3.62 27.93 1.79
C ASP B 118 -4.25 28.03 0.40
N VAL B 119 -5.15 27.11 0.08
CA VAL B 119 -5.66 26.96 -1.28
C VAL B 119 -7.16 27.16 -1.29
N ASP B 120 -7.62 28.22 -1.92
CA ASP B 120 -9.00 28.31 -2.38
C ASP B 120 -9.07 27.64 -3.75
N THR B 121 -9.97 26.67 -3.91
CA THR B 121 -10.08 25.95 -5.18
C THR B 121 -11.13 26.53 -6.12
N THR B 122 -11.85 27.58 -5.71
CA THR B 122 -12.92 28.17 -6.52
C THR B 122 -12.51 29.22 -7.55
N PRO B 123 -11.43 29.98 -7.39
CA PRO B 123 -11.22 31.15 -8.26
C PRO B 123 -10.68 30.74 -9.64
N ASP B 124 -10.67 31.73 -10.53
CA ASP B 124 -10.24 31.52 -11.91
C ASP B 124 -8.74 31.20 -12.04
N THR B 125 -7.94 31.48 -11.02
CA THR B 125 -6.52 31.16 -11.01
C THR B 125 -6.23 29.71 -10.62
N PHE B 126 -7.23 28.98 -10.12
CA PHE B 126 -7.05 27.57 -9.77
C PHE B 126 -7.35 26.77 -11.02
N VAL B 127 -6.31 26.41 -11.76
CA VAL B 127 -6.49 25.74 -13.04
C VAL B 127 -5.47 24.61 -13.21
N PRO B 128 -5.49 23.59 -12.34
CA PRO B 128 -4.52 22.49 -12.50
C PRO B 128 -4.62 21.80 -13.84
N HIS B 129 -5.79 21.84 -14.49
CA HIS B 129 -5.95 21.27 -15.82
C HIS B 129 -5.01 21.95 -16.82
N LEU B 130 -4.66 23.21 -16.59
CA LEU B 130 -3.69 23.93 -17.41
C LEU B 130 -2.31 23.95 -16.74
N GLY B 131 -2.13 23.21 -15.65
CA GLY B 131 -0.83 23.06 -15.02
C GLY B 131 -0.43 24.11 -14.01
N SER B 132 -1.35 24.95 -13.52
CA SER B 132 -0.93 26.00 -12.59
C SER B 132 -2.06 26.38 -11.63
N ILE B 133 -1.67 26.81 -10.43
CA ILE B 133 -2.60 27.28 -9.41
C ILE B 133 -1.96 28.47 -8.72
N GLN B 134 -2.81 29.35 -8.16
CA GLN B 134 -2.27 30.58 -7.57
C GLN B 134 -1.32 30.25 -6.43
N ALA B 135 -0.26 31.05 -6.33
CA ALA B 135 0.75 30.82 -5.31
C ALA B 135 0.29 31.25 -3.91
N ASN B 136 -0.58 32.26 -3.84
CA ASN B 136 -1.11 32.79 -2.56
C ASN B 136 -0.01 32.93 -1.51
N GLY B 137 1.06 33.65 -1.88
CA GLY B 137 2.12 34.01 -0.96
C GLY B 137 3.30 33.07 -0.85
N ILE B 138 3.22 31.85 -1.37
CA ILE B 138 4.37 30.95 -1.37
C ILE B 138 5.50 31.57 -2.20
N GLY B 139 6.67 31.78 -1.57
CA GLY B 139 7.78 32.42 -2.26
C GLY B 139 8.33 31.56 -3.39
N SER B 140 9.10 32.19 -4.28
CA SER B 140 9.65 31.48 -5.43
C SER B 140 10.51 30.30 -4.98
N GLY B 141 10.45 29.21 -5.75
CA GLY B 141 11.20 28.01 -5.43
C GLY B 141 10.41 26.77 -5.83
N ASN B 142 11.08 25.62 -5.69
CA ASN B 142 10.48 24.32 -5.92
C ASN B 142 10.04 23.69 -4.60
N TYR B 143 8.82 23.16 -4.58
CA TYR B 143 8.27 22.55 -3.38
C TYR B 143 7.65 21.20 -3.70
N VAL B 144 7.59 20.35 -2.69
CA VAL B 144 6.68 19.21 -2.64
C VAL B 144 5.77 19.44 -1.45
N GLY B 145 4.48 19.16 -1.63
CA GLY B 145 3.52 19.42 -0.59
C GLY B 145 2.54 18.29 -0.41
N VAL B 146 2.08 18.11 0.82
CA VAL B 146 1.05 17.12 1.12
C VAL B 146 -0.10 17.80 1.86
N LEU B 147 -1.34 17.42 1.52
CA LEU B 147 -2.52 17.89 2.24
C LEU B 147 -2.39 17.57 3.73
N SER B 148 -2.62 18.59 4.55
CA SER B 148 -2.41 18.54 5.98
C SER B 148 -3.70 18.69 6.79
N TRP B 149 -4.52 19.69 6.47
CA TRP B 149 -5.82 19.86 7.11
C TRP B 149 -6.68 20.70 6.18
N ILE B 150 -7.98 20.71 6.44
CA ILE B 150 -8.93 21.44 5.61
C ILE B 150 -9.80 22.34 6.49
N SER B 151 -10.48 23.28 5.84
CA SER B 151 -11.37 24.21 6.53
C SER B 151 -12.54 24.50 5.59
N PRO B 152 -13.58 25.19 6.08
CA PRO B 152 -14.68 25.54 5.20
C PRO B 152 -14.20 26.33 4.00
N PRO B 153 -14.84 26.15 2.85
CA PRO B 153 -14.42 26.87 1.64
C PRO B 153 -14.63 28.37 1.76
N SER B 154 -13.67 29.13 1.23
CA SER B 154 -13.77 30.59 1.27
C SER B 154 -14.94 31.09 0.46
N HIS B 155 -15.34 30.35 -0.58
CA HIS B 155 -16.46 30.75 -1.43
C HIS B 155 -17.28 29.54 -1.84
N PRO B 156 -18.62 29.66 -1.90
CA PRO B 156 -19.37 30.84 -1.45
C PRO B 156 -19.32 31.03 0.08
N SER B 157 -19.28 32.29 0.52
CA SER B 157 -19.08 32.58 1.93
C SER B 157 -20.14 31.91 2.79
N GLY B 158 -19.70 31.25 3.87
CA GLY B 158 -20.58 30.59 4.80
C GLY B 158 -20.97 29.17 4.46
N SER B 159 -20.55 28.63 3.32
CA SER B 159 -20.91 27.25 3.05
C SER B 159 -20.04 26.31 3.87
N GLN B 160 -20.56 25.09 4.07
CA GLN B 160 -19.93 24.11 4.93
C GLN B 160 -18.96 23.23 4.14
N VAL B 161 -18.16 22.47 4.88
CA VAL B 161 -17.27 21.49 4.27
C VAL B 161 -18.13 20.38 3.66
N ASP B 162 -17.85 20.03 2.40
CA ASP B 162 -18.63 19.02 1.67
C ASP B 162 -17.65 18.16 0.85
N LEU B 163 -17.16 17.08 1.47
CA LEU B 163 -16.17 16.20 0.86
C LEU B 163 -16.77 15.19 -0.12
N TRP B 164 -18.06 15.27 -0.42
CA TRP B 164 -18.60 14.52 -1.56
C TRP B 164 -18.27 15.18 -2.90
N LYS B 165 -17.79 16.41 -2.88
CA LYS B 165 -17.48 17.16 -4.09
C LYS B 165 -16.03 16.94 -4.52
N ILE B 166 -15.76 17.29 -5.78
CA ILE B 166 -14.40 17.43 -6.29
C ILE B 166 -14.19 18.90 -6.61
N PRO B 167 -12.94 19.36 -6.70
CA PRO B 167 -12.69 20.76 -7.06
C PRO B 167 -12.96 21.01 -8.54
N ASN B 168 -12.99 22.30 -8.89
CA ASN B 168 -13.13 22.73 -10.29
C ASN B 168 -11.73 22.74 -10.95
N TYR B 169 -11.40 21.65 -11.63
CA TYR B 169 -10.07 21.54 -12.24
C TYR B 169 -9.89 22.48 -13.43
N GLY B 170 -10.98 22.87 -14.10
CA GLY B 170 -10.92 23.72 -15.27
C GLY B 170 -11.07 25.19 -14.94
N SER B 171 -11.61 25.95 -15.88
CA SER B 171 -11.90 27.36 -15.65
C SER B 171 -13.17 27.70 -16.42
N SER B 172 -13.56 28.99 -16.39
CA SER B 172 -14.65 29.44 -17.22
C SER B 172 -14.24 29.54 -18.68
N ILE B 173 -12.94 29.52 -18.97
CA ILE B 173 -12.45 29.52 -20.34
C ILE B 173 -12.63 28.15 -20.98
N THR B 174 -12.40 27.08 -20.22
CA THR B 174 -12.47 25.73 -20.76
C THR B 174 -12.71 24.73 -19.64
N GLU B 175 -13.48 23.70 -19.94
CA GLU B 175 -13.72 22.63 -18.98
C GLU B 175 -12.55 21.64 -18.96
N ALA B 176 -12.30 21.08 -17.78
CA ALA B 176 -11.30 20.03 -17.66
C ALA B 176 -11.78 18.79 -18.39
N THR B 177 -10.86 18.07 -19.01
CA THR B 177 -11.20 16.94 -19.85
C THR B 177 -10.60 15.65 -19.32
N HIS B 178 -11.15 14.52 -19.77
CA HIS B 178 -10.62 13.19 -19.43
C HIS B 178 -10.64 12.96 -17.93
N LEU B 179 -11.68 13.45 -17.27
CA LEU B 179 -11.87 13.12 -15.87
C LEU B 179 -12.36 11.69 -15.74
N ALA B 180 -12.08 11.08 -14.60
CA ALA B 180 -12.71 9.80 -14.32
C ALA B 180 -14.21 10.03 -14.29
N PRO B 181 -15.01 9.16 -14.89
CA PRO B 181 -16.46 9.42 -14.97
C PRO B 181 -17.14 9.25 -13.62
N SER B 182 -18.36 9.78 -13.54
CA SER B 182 -19.15 9.66 -12.32
C SER B 182 -19.56 8.23 -12.07
N VAL B 183 -19.76 7.92 -10.79
CA VAL B 183 -20.30 6.65 -10.32
C VAL B 183 -21.67 6.94 -9.73
N TYR B 184 -22.65 6.11 -10.10
CA TYR B 184 -24.03 6.31 -9.68
C TYR B 184 -24.51 5.06 -8.95
N PRO B 185 -25.51 5.19 -8.07
CA PRO B 185 -26.09 4.01 -7.43
C PRO B 185 -26.87 3.20 -8.46
N PRO B 186 -26.59 1.89 -8.57
CA PRO B 186 -27.14 1.11 -9.68
C PRO B 186 -28.63 0.80 -9.58
N GLY B 187 -29.26 1.04 -8.44
CA GLY B 187 -30.67 0.70 -8.29
C GLY B 187 -30.89 -0.59 -7.51
N PHE B 188 -32.17 -0.93 -7.40
CA PHE B 188 -32.63 -2.12 -6.67
C PHE B 188 -32.35 -1.99 -5.17
N GLY B 189 -32.58 -0.80 -4.64
CA GLY B 189 -32.32 -0.54 -3.24
C GLY B 189 -30.86 -0.54 -2.86
N GLU B 190 -29.94 -0.52 -3.82
CA GLU B 190 -28.53 -0.53 -3.53
C GLU B 190 -28.03 0.90 -3.35
N VAL B 191 -27.02 1.05 -2.50
CA VAL B 191 -26.38 2.33 -2.29
C VAL B 191 -24.88 2.10 -2.44
N LEU B 192 -24.15 3.17 -2.79
CA LEU B 192 -22.70 3.08 -2.84
C LEU B 192 -22.16 2.95 -1.42
N VAL B 193 -21.04 2.22 -1.30
CA VAL B 193 -20.36 2.03 -0.02
C VAL B 193 -19.11 2.89 0.00
N PHE B 194 -18.89 3.62 1.10
CA PHE B 194 -17.74 4.50 1.21
C PHE B 194 -16.90 4.13 2.42
N PHE B 195 -15.60 4.20 2.24
CA PHE B 195 -14.66 4.03 3.34
C PHE B 195 -14.26 5.42 3.82
N MET B 196 -14.43 5.66 5.11
CA MET B 196 -14.33 6.99 5.73
C MET B 196 -13.08 7.11 6.59
N SER B 197 -12.53 8.32 6.62
CA SER B 197 -11.39 8.66 7.45
C SER B 197 -11.64 10.00 8.11
N LYS B 198 -11.18 10.13 9.36
CA LYS B 198 -11.26 11.41 10.05
C LYS B 198 -10.17 12.33 9.51
N MET B 199 -10.56 13.54 9.12
CA MET B 199 -9.63 14.47 8.49
C MET B 199 -9.38 15.68 9.37
N PRO B 200 -8.13 16.00 9.69
CA PRO B 200 -7.85 17.15 10.56
C PRO B 200 -8.39 18.46 10.00
N GLY B 201 -8.73 19.37 10.92
CA GLY B 201 -9.34 20.64 10.61
C GLY B 201 -10.29 21.04 11.72
N PRO B 202 -10.86 22.30 11.65
CA PRO B 202 -11.77 22.82 12.68
C PRO B 202 -13.22 22.32 12.56
N GLY B 203 -13.38 21.02 12.34
CA GLY B 203 -14.71 20.44 12.31
C GLY B 203 -14.60 18.95 12.44
N ALA B 204 -15.77 18.28 12.44
CA ALA B 204 -15.82 16.82 12.50
C ALA B 204 -15.92 16.27 11.07
N TYR B 205 -14.78 16.33 10.38
CA TYR B 205 -14.70 16.07 8.95
C TYR B 205 -14.44 14.59 8.70
N ASN B 206 -15.30 13.98 7.86
CA ASN B 206 -15.15 12.58 7.47
C ASN B 206 -14.95 12.53 5.95
N LEU B 207 -13.83 11.94 5.54
CA LEU B 207 -13.46 11.88 4.12
C LEU B 207 -13.88 10.55 3.53
N PRO B 208 -14.81 10.52 2.58
CA PRO B 208 -15.18 9.26 1.93
C PRO B 208 -14.34 8.93 0.69
N CYS B 209 -14.16 7.62 0.48
CA CYS B 209 -13.52 7.12 -0.75
C CYS B 209 -14.16 5.79 -1.14
N LEU B 210 -13.94 5.41 -2.41
CA LEU B 210 -14.61 4.22 -2.96
C LEU B 210 -13.85 2.92 -2.67
N LEU B 211 -12.52 2.97 -2.53
CA LEU B 211 -11.67 1.81 -2.34
C LEU B 211 -10.51 2.18 -1.43
N PRO B 212 -10.16 1.33 -0.47
CA PRO B 212 -8.90 1.56 0.25
C PRO B 212 -7.72 1.52 -0.70
N GLN B 213 -6.66 2.27 -0.37
CA GLN B 213 -5.53 2.35 -1.29
C GLN B 213 -4.86 1.00 -1.46
N GLU B 214 -4.87 0.16 -0.41
CA GLU B 214 -4.25 -1.15 -0.50
C GLU B 214 -5.01 -2.08 -1.43
N TYR B 215 -6.33 -1.88 -1.56
CA TYR B 215 -7.08 -2.62 -2.59
C TYR B 215 -6.61 -2.22 -3.98
N ILE B 216 -6.32 -0.95 -4.18
CA ILE B 216 -5.94 -0.44 -5.49
C ILE B 216 -4.61 -1.04 -5.93
N SER B 217 -3.60 -0.99 -5.06
CA SER B 217 -2.31 -1.55 -5.44
C SER B 217 -2.42 -3.07 -5.60
N HIS B 218 -3.35 -3.70 -4.88
CA HIS B 218 -3.59 -5.12 -5.03
C HIS B 218 -4.20 -5.47 -6.40
N LEU B 219 -5.23 -4.73 -6.83
CA LEU B 219 -5.86 -4.99 -8.11
C LEU B 219 -4.94 -4.61 -9.27
N ALA B 220 -4.21 -3.50 -9.12
CA ALA B 220 -3.26 -3.07 -10.13
C ALA B 220 -2.15 -4.10 -10.32
N SER B 221 -1.85 -4.88 -9.28
CA SER B 221 -0.84 -5.95 -9.38
C SER B 221 -1.45 -7.26 -9.91
N GLU B 222 -2.61 -7.65 -9.38
CA GLU B 222 -3.19 -8.94 -9.74
C GLU B 222 -3.70 -8.96 -11.17
N GLN B 223 -4.37 -7.88 -11.59
CA GLN B 223 -4.90 -7.75 -12.96
C GLN B 223 -5.73 -8.96 -13.35
N ALA B 224 -6.57 -9.41 -12.43
CA ALA B 224 -7.41 -10.57 -12.69
C ALA B 224 -8.50 -10.22 -13.69
N PRO B 225 -8.70 -11.03 -14.73
CA PRO B 225 -9.78 -10.75 -15.69
C PRO B 225 -11.12 -10.65 -14.99
N THR B 226 -11.86 -9.59 -15.31
CA THR B 226 -13.23 -9.42 -14.81
C THR B 226 -14.14 -10.34 -15.62
N VAL B 227 -14.34 -11.54 -15.10
CA VAL B 227 -15.02 -12.60 -15.84
C VAL B 227 -16.55 -12.48 -15.79
N GLY B 228 -17.09 -11.77 -14.80
CA GLY B 228 -18.52 -11.58 -14.66
C GLY B 228 -18.89 -10.10 -14.60
N GLU B 229 -20.19 -9.87 -14.41
CA GLU B 229 -20.73 -8.51 -14.37
C GLU B 229 -20.64 -7.89 -12.99
N ALA B 230 -20.48 -8.70 -11.95
CA ALA B 230 -20.37 -8.19 -10.60
C ALA B 230 -19.75 -9.26 -9.72
N ALA B 231 -19.03 -8.82 -8.70
CA ALA B 231 -18.33 -9.71 -7.77
C ALA B 231 -19.11 -9.72 -6.45
N LEU B 232 -19.72 -10.86 -6.13
CA LEU B 232 -20.40 -11.01 -4.85
C LEU B 232 -19.37 -11.18 -3.74
N LEU B 233 -19.51 -10.40 -2.67
CA LEU B 233 -18.56 -10.41 -1.57
C LEU B 233 -19.29 -10.68 -0.26
N HIS B 234 -18.57 -11.33 0.66
CA HIS B 234 -18.97 -11.37 2.07
C HIS B 234 -18.02 -10.48 2.86
N TYR B 235 -18.57 -9.72 3.80
CA TYR B 235 -17.81 -9.04 4.82
C TYR B 235 -17.77 -9.93 6.07
N VAL B 236 -16.60 -10.47 6.39
CA VAL B 236 -16.48 -11.56 7.35
C VAL B 236 -15.87 -11.05 8.64
N ASP B 237 -16.51 -11.41 9.75
CA ASP B 237 -16.00 -11.07 11.08
C ASP B 237 -14.88 -12.02 11.47
N PRO B 238 -13.67 -11.51 11.77
CA PRO B 238 -12.53 -12.41 12.06
C PRO B 238 -12.66 -13.19 13.35
N ASP B 239 -13.50 -12.72 14.28
CA ASP B 239 -13.69 -13.40 15.56
C ASP B 239 -14.49 -14.70 15.38
N THR B 240 -15.73 -14.58 14.88
CA THR B 240 -16.63 -15.71 14.73
C THR B 240 -16.62 -16.33 13.33
N GLY B 241 -16.12 -15.60 12.33
CA GLY B 241 -16.26 -16.05 10.96
C GLY B 241 -17.63 -15.81 10.36
N ARG B 242 -18.57 -15.23 11.11
CA ARG B 242 -19.89 -15.01 10.57
C ARG B 242 -19.85 -13.97 9.47
N ASN B 243 -20.77 -14.11 8.51
CA ASN B 243 -20.91 -13.18 7.40
C ASN B 243 -21.76 -12.00 7.86
N LEU B 244 -21.14 -10.82 7.95
CA LEU B 244 -21.85 -9.64 8.44
C LEU B 244 -22.67 -8.95 7.36
N GLY B 245 -22.53 -9.35 6.10
CA GLY B 245 -23.30 -8.74 5.04
C GLY B 245 -22.83 -9.10 3.64
N GLU B 246 -23.76 -9.11 2.69
CA GLU B 246 -23.44 -9.39 1.30
C GLU B 246 -23.21 -8.07 0.57
N PHE B 247 -22.21 -8.05 -0.31
CA PHE B 247 -21.88 -6.85 -1.06
C PHE B 247 -21.65 -7.26 -2.52
N LYS B 248 -21.73 -6.27 -3.41
CA LYS B 248 -21.34 -6.46 -4.80
C LYS B 248 -20.30 -5.42 -5.15
N ALA B 249 -19.21 -5.87 -5.77
CA ALA B 249 -18.21 -4.98 -6.34
C ALA B 249 -18.41 -5.00 -7.84
N TYR B 250 -18.46 -3.82 -8.45
CA TYR B 250 -18.72 -3.67 -9.88
C TYR B 250 -17.41 -3.44 -10.63
N PRO B 251 -17.38 -3.80 -11.92
CA PRO B 251 -16.11 -3.74 -12.67
C PRO B 251 -15.50 -2.34 -12.73
N ASP B 252 -16.32 -1.29 -12.67
CA ASP B 252 -15.78 0.06 -12.63
C ASP B 252 -15.10 0.37 -11.31
N GLY B 253 -15.23 -0.50 -10.30
CA GLY B 253 -14.38 -0.38 -9.14
C GLY B 253 -15.03 0.26 -7.92
N PHE B 254 -16.21 -0.20 -7.55
CA PHE B 254 -16.86 0.29 -6.35
C PHE B 254 -17.74 -0.81 -5.80
N LEU B 255 -18.13 -0.64 -4.55
CA LEU B 255 -18.93 -1.62 -3.83
C LEU B 255 -20.30 -1.03 -3.57
N THR B 256 -21.29 -1.91 -3.51
CA THR B 256 -22.63 -1.53 -3.08
C THR B 256 -23.12 -2.56 -2.10
N CYS B 257 -24.17 -2.18 -1.37
CA CYS B 257 -24.91 -3.06 -0.50
C CYS B 257 -26.35 -2.56 -0.44
N VAL B 258 -27.23 -3.40 0.09
CA VAL B 258 -28.61 -3.00 0.37
C VAL B 258 -28.74 -2.82 1.87
N PRO B 259 -29.00 -1.61 2.38
CA PRO B 259 -29.06 -1.35 3.82
C PRO B 259 -30.29 -1.98 4.50
N PRO B 266 -24.97 -0.42 7.34
CA PRO B 266 -23.57 -0.35 6.89
C PRO B 266 -22.75 0.61 7.76
N GLN B 267 -23.37 1.74 8.13
CA GLN B 267 -22.69 2.70 8.99
C GLN B 267 -22.37 2.10 10.34
N GLN B 268 -23.21 1.18 10.83
CA GLN B 268 -23.02 0.52 12.11
C GLN B 268 -22.22 -0.79 11.98
N LEU B 269 -21.65 -1.06 10.81
CA LEU B 269 -20.85 -2.27 10.71
C LEU B 269 -19.51 -2.06 11.42
N PRO B 270 -18.95 -3.11 12.02
CA PRO B 270 -17.62 -2.97 12.60
C PRO B 270 -16.57 -2.85 11.51
N ILE B 271 -15.47 -2.18 11.84
CA ILE B 271 -14.46 -1.87 10.84
C ILE B 271 -13.32 -2.88 10.84
N ASN B 272 -13.37 -3.88 11.72
CA ASN B 272 -12.31 -4.87 11.80
C ASN B 272 -12.54 -6.12 10.94
N GLY B 273 -13.49 -6.08 10.00
CA GLY B 273 -13.77 -7.23 9.16
C GLY B 273 -12.93 -7.29 7.91
N VAL B 274 -13.14 -8.35 7.13
CA VAL B 274 -12.41 -8.56 5.88
C VAL B 274 -13.42 -8.90 4.77
N PHE B 275 -13.26 -8.23 3.62
CA PHE B 275 -14.06 -8.52 2.44
C PHE B 275 -13.47 -9.72 1.72
N VAL B 276 -14.32 -10.72 1.45
CA VAL B 276 -13.91 -11.96 0.79
C VAL B 276 -14.76 -12.17 -0.47
N PHE B 277 -14.09 -12.43 -1.59
CA PHE B 277 -14.79 -12.73 -2.83
C PHE B 277 -15.47 -14.09 -2.71
N VAL B 278 -16.69 -14.16 -3.20
CA VAL B 278 -17.50 -15.37 -3.16
C VAL B 278 -17.65 -15.97 -4.56
N SER B 279 -18.19 -15.19 -5.50
CA SER B 279 -18.41 -15.66 -6.87
C SER B 279 -18.81 -14.49 -7.73
N TRP B 280 -18.80 -14.73 -9.04
CA TRP B 280 -19.32 -13.79 -10.02
C TRP B 280 -20.82 -13.95 -10.15
N VAL B 281 -21.53 -12.82 -10.20
CA VAL B 281 -22.99 -12.81 -10.29
C VAL B 281 -23.41 -11.78 -11.33
N SER B 282 -24.71 -11.74 -11.61
CA SER B 282 -25.26 -10.80 -12.57
C SER B 282 -25.21 -9.37 -12.05
N ARG B 283 -25.19 -8.43 -12.99
CA ARG B 283 -25.28 -7.00 -12.65
C ARG B 283 -26.52 -6.70 -11.81
N PHE B 284 -27.62 -7.43 -12.04
CA PHE B 284 -28.89 -7.17 -11.38
C PHE B 284 -29.20 -8.20 -10.29
N TYR B 285 -28.18 -8.91 -9.80
CA TYR B 285 -28.35 -9.86 -8.69
C TYR B 285 -28.82 -9.15 -7.42
N GLN B 286 -29.89 -9.66 -6.83
CA GLN B 286 -30.55 -9.01 -5.69
C GLN B 286 -29.86 -9.38 -4.38
N LEU B 287 -29.32 -8.38 -3.70
CA LEU B 287 -28.58 -8.62 -2.48
C LEU B 287 -29.52 -8.78 -1.29
N LYS B 288 -29.11 -9.61 -0.33
CA LYS B 288 -29.95 -9.60 0.87
C LYS B 288 -29.52 -8.43 1.76
N PRO B 289 -30.48 -7.74 2.39
CA PRO B 289 -30.13 -6.57 3.21
C PRO B 289 -29.10 -6.90 4.28
N VAL B 290 -28.19 -5.95 4.52
CA VAL B 290 -27.09 -6.12 5.47
C VAL B 290 -27.67 -6.48 6.84
N GLY B 291 -27.34 -7.68 7.31
CA GLY B 291 -27.89 -8.19 8.56
C GLY B 291 -28.94 -9.25 8.31
N THR B 292 -30.04 -8.85 7.67
CA THR B 292 -31.11 -9.78 7.29
C THR B 292 -30.61 -10.78 6.25
N GLN C 1 -8.10 7.69 -17.89
CA GLN C 1 -8.74 7.52 -19.21
C GLN C 1 -7.87 8.06 -20.34
N VAL C 2 -7.81 7.31 -21.44
CA VAL C 2 -6.99 7.65 -22.60
C VAL C 2 -7.87 7.60 -23.83
N GLN C 3 -7.71 8.58 -24.72
CA GLN C 3 -8.47 8.69 -25.96
C GLN C 3 -7.54 8.44 -27.14
N LEU C 4 -8.01 7.66 -28.11
CA LEU C 4 -7.27 7.32 -29.32
C LEU C 4 -8.10 7.67 -30.55
N GLN C 5 -7.46 8.32 -31.54
CA GLN C 5 -8.11 8.74 -32.77
C GLN C 5 -7.21 8.36 -33.95
N GLU C 6 -7.66 7.44 -34.79
CA GLU C 6 -6.93 6.99 -35.96
C GLU C 6 -7.25 7.85 -37.19
N SER C 7 -6.32 7.84 -38.14
CA SER C 7 -6.45 8.53 -39.41
C SER C 7 -5.40 7.99 -40.36
N GLY C 8 -5.68 8.07 -41.65
CA GLY C 8 -4.74 7.67 -42.69
C GLY C 8 -5.14 6.48 -43.55
N GLY C 9 -6.28 5.83 -43.33
CA GLY C 9 -6.66 4.71 -44.16
C GLY C 9 -7.13 5.18 -45.54
N GLY C 10 -7.44 4.21 -46.38
CA GLY C 10 -7.93 4.45 -47.73
C GLY C 10 -7.61 3.28 -48.65
N LEU C 11 -7.67 3.52 -49.95
CA LEU C 11 -7.44 2.50 -50.97
C LEU C 11 -5.99 2.58 -51.46
N VAL C 12 -5.35 1.41 -51.62
CA VAL C 12 -3.96 1.35 -52.03
C VAL C 12 -3.77 0.20 -53.02
N MET C 13 -2.92 0.41 -54.01
CA MET C 13 -2.62 -0.65 -54.98
C MET C 13 -1.66 -1.67 -54.37
N THR C 14 -1.83 -2.93 -54.77
CA THR C 14 -0.95 -4.00 -54.32
C THR C 14 0.52 -3.64 -54.56
N GLY C 15 1.33 -3.79 -53.54
CA GLY C 15 2.73 -3.41 -53.60
C GLY C 15 3.04 -2.01 -53.12
N GLY C 16 2.03 -1.15 -52.96
CA GLY C 16 2.24 0.19 -52.48
C GLY C 16 2.45 0.25 -50.96
N SER C 17 2.57 1.48 -50.47
CA SER C 17 2.82 1.77 -49.06
C SER C 17 1.74 2.70 -48.52
N LEU C 18 1.63 2.73 -47.19
CA LEU C 18 0.64 3.57 -46.52
C LEU C 18 1.07 3.75 -45.07
N ARG C 19 0.81 4.93 -44.53
CA ARG C 19 1.16 5.18 -43.14
C ARG C 19 -0.09 5.66 -42.40
N LEU C 20 -0.49 4.90 -41.39
CA LEU C 20 -1.59 5.26 -40.52
C LEU C 20 -1.04 5.97 -39.28
N SER C 21 -1.90 6.78 -38.67
CA SER C 21 -1.49 7.58 -37.53
C SER C 21 -2.56 7.52 -36.45
N CYS C 22 -2.12 7.65 -35.21
CA CYS C 22 -3.01 7.53 -34.05
C CYS C 22 -2.66 8.62 -33.04
N ALA C 23 -3.63 9.48 -32.75
CA ALA C 23 -3.45 10.56 -31.79
C ALA C 23 -3.81 10.07 -30.39
N VAL C 24 -2.87 10.15 -29.47
CA VAL C 24 -3.04 9.63 -28.11
C VAL C 24 -3.18 10.82 -27.18
N SER C 25 -4.30 10.90 -26.44
CA SER C 25 -4.54 12.00 -25.53
C SER C 25 -5.09 11.46 -24.20
N GLY C 26 -5.10 12.33 -23.19
CA GLY C 26 -5.56 11.94 -21.88
C GLY C 26 -4.44 11.55 -20.96
N ARG C 27 -4.64 10.48 -20.17
CA ARG C 27 -3.68 10.07 -19.14
C ARG C 27 -2.59 9.23 -19.79
N THR C 28 -1.65 9.94 -20.44
CA THR C 28 -0.56 9.27 -21.14
C THR C 28 0.65 9.01 -20.26
N ILE C 29 0.68 9.58 -19.05
CA ILE C 29 1.84 9.47 -18.17
C ILE C 29 2.24 8.01 -17.99
N ASP C 30 1.27 7.12 -17.82
CA ASP C 30 1.61 5.72 -17.54
C ASP C 30 1.02 4.75 -18.59
N VAL C 31 0.84 5.23 -19.82
CA VAL C 31 0.67 4.29 -20.93
C VAL C 31 1.98 3.55 -21.12
N SER C 32 1.95 2.23 -21.07
CA SER C 32 3.19 1.50 -21.25
C SER C 32 3.34 0.84 -22.62
N VAL C 33 2.24 0.50 -23.32
CA VAL C 33 2.32 -0.13 -24.63
C VAL C 33 1.29 0.50 -25.57
N MET C 34 1.72 0.78 -26.80
CA MET C 34 0.86 1.21 -27.90
C MET C 34 0.92 0.16 -29.00
N ALA C 35 -0.22 -0.19 -29.59
CA ALA C 35 -0.21 -1.26 -30.57
C ALA C 35 -1.27 -1.04 -31.65
N TRP C 36 -1.08 -1.75 -32.76
CA TRP C 36 -2.02 -1.76 -33.87
C TRP C 36 -2.58 -3.17 -34.01
N PHE C 37 -3.89 -3.24 -34.22
CA PHE C 37 -4.58 -4.48 -34.44
C PHE C 37 -5.30 -4.39 -35.79
N ARG C 38 -5.75 -5.52 -36.30
CA ARG C 38 -6.50 -5.48 -37.55
C ARG C 38 -7.57 -6.56 -37.58
N GLN C 39 -8.71 -6.21 -38.19
CA GLN C 39 -9.86 -7.09 -38.26
C GLN C 39 -10.39 -7.12 -39.70
N ALA C 40 -10.38 -8.30 -40.28
CA ALA C 40 -10.94 -8.54 -41.60
C ALA C 40 -12.38 -9.03 -41.45
N PRO C 41 -13.23 -8.82 -42.46
CA PRO C 41 -14.61 -9.28 -42.36
C PRO C 41 -14.69 -10.77 -42.03
N GLY C 42 -15.45 -11.10 -40.99
CA GLY C 42 -15.62 -12.47 -40.58
C GLY C 42 -14.46 -13.07 -39.80
N LYS C 43 -13.41 -12.30 -39.52
CA LYS C 43 -12.25 -12.79 -38.78
C LYS C 43 -12.15 -12.07 -37.45
N GLU C 44 -11.29 -12.59 -36.58
CA GLU C 44 -11.07 -12.01 -35.25
C GLU C 44 -10.03 -10.90 -35.33
N ARG C 45 -10.14 -9.96 -34.39
CA ARG C 45 -9.17 -8.87 -34.29
C ARG C 45 -7.79 -9.43 -33.93
N GLU C 46 -6.80 -9.13 -34.76
CA GLU C 46 -5.48 -9.74 -34.66
C GLU C 46 -4.39 -8.70 -34.48
N PHE C 47 -3.36 -9.10 -33.74
CA PHE C 47 -2.25 -8.20 -33.45
C PHE C 47 -1.39 -8.02 -34.70
N VAL C 48 -1.05 -6.77 -35.01
CA VAL C 48 -0.17 -6.44 -36.14
C VAL C 48 1.22 -6.07 -35.63
N SER C 49 1.31 -4.99 -34.83
CA SER C 49 2.60 -4.56 -34.27
C SER C 49 2.37 -3.68 -33.05
N GLY C 50 3.35 -3.69 -32.15
CA GLY C 50 3.23 -2.94 -30.90
C GLY C 50 4.58 -2.45 -30.44
N MET C 51 4.55 -1.48 -29.52
CA MET C 51 5.79 -0.87 -29.05
C MET C 51 5.65 -0.46 -27.60
N ARG C 52 6.79 -0.48 -26.89
CA ARG C 52 6.85 0.13 -25.57
C ARG C 52 6.78 1.64 -25.73
N TRP C 53 5.76 2.25 -25.13
CA TRP C 53 5.51 3.68 -25.31
C TRP C 53 6.76 4.50 -25.05
N SER C 54 7.39 4.30 -23.89
CA SER C 54 8.54 5.09 -23.47
C SER C 54 9.87 4.38 -23.70
N GLY C 55 9.86 3.12 -24.15
CA GLY C 55 11.08 2.40 -24.43
C GLY C 55 11.40 2.39 -25.90
N MET C 56 12.34 1.51 -26.24
CA MET C 56 12.76 1.34 -27.63
C MET C 56 12.12 0.12 -28.28
N THR C 57 12.01 -0.98 -27.54
CA THR C 57 11.54 -2.24 -28.08
C THR C 57 10.24 -2.09 -28.86
N THR C 58 10.18 -2.75 -30.02
CA THR C 58 8.96 -2.90 -30.80
C THR C 58 8.84 -4.36 -31.18
N TYR C 59 7.64 -4.77 -31.58
CA TYR C 59 7.44 -6.15 -32.01
C TYR C 59 6.26 -6.22 -32.98
N SER C 60 6.41 -7.01 -34.05
CA SER C 60 5.37 -7.17 -35.07
C SER C 60 5.09 -8.64 -35.33
N ALA C 61 3.85 -8.92 -35.71
CA ALA C 61 3.45 -10.29 -36.04
C ALA C 61 4.27 -10.81 -37.22
N ASP C 62 4.42 -12.12 -37.27
CA ASP C 62 5.26 -12.74 -38.30
C ASP C 62 4.84 -12.32 -39.71
N SER C 63 3.53 -12.22 -39.95
CA SER C 63 3.02 -11.97 -41.30
C SER C 63 3.32 -10.56 -41.81
N VAL C 64 3.81 -9.66 -40.97
CA VAL C 64 4.12 -8.29 -41.38
C VAL C 64 5.51 -7.84 -40.95
N LYS C 65 6.30 -8.70 -40.29
CA LYS C 65 7.50 -8.24 -39.57
C LYS C 65 8.50 -7.56 -40.50
N ASP C 66 8.64 -8.06 -41.72
CA ASP C 66 9.62 -7.50 -42.64
C ASP C 66 9.03 -6.42 -43.54
N ARG C 67 7.80 -5.97 -43.28
CA ARG C 67 7.17 -4.99 -44.15
C ARG C 67 6.59 -3.81 -43.37
N PHE C 68 6.11 -4.06 -42.15
CA PHE C 68 5.45 -3.03 -41.36
C PHE C 68 6.38 -2.50 -40.26
N THR C 69 6.14 -1.26 -39.84
CA THR C 69 6.96 -0.63 -38.81
C THR C 69 6.11 0.31 -37.97
N ILE C 70 6.19 0.16 -36.63
CA ILE C 70 5.48 1.02 -35.69
C ILE C 70 6.49 2.01 -35.11
N SER C 71 6.03 3.24 -34.85
CA SER C 71 6.90 4.24 -34.28
C SER C 71 6.06 5.30 -33.58
N ARG C 72 6.73 6.10 -32.76
CA ARG C 72 6.11 7.19 -32.01
C ARG C 72 6.75 8.51 -32.42
N ASP C 73 5.91 9.53 -32.65
CA ASP C 73 6.41 10.85 -33.01
C ASP C 73 7.26 11.44 -31.89
N LYS C 74 8.39 12.05 -32.27
CA LYS C 74 9.28 12.68 -31.30
C LYS C 74 8.69 13.97 -30.71
N THR C 75 7.77 14.63 -31.43
CA THR C 75 7.16 15.87 -30.97
C THR C 75 5.83 15.60 -30.28
N LYS C 76 4.80 15.29 -31.05
CA LYS C 76 3.45 15.09 -30.53
C LYS C 76 3.29 13.67 -29.99
N ASN C 77 2.14 13.42 -29.38
CA ASN C 77 1.79 12.09 -28.87
C ASN C 77 1.06 11.31 -29.95
N THR C 78 1.82 10.91 -30.98
CA THR C 78 1.25 10.23 -32.13
C THR C 78 2.01 8.94 -32.38
N VAL C 79 1.27 7.85 -32.56
CA VAL C 79 1.84 6.57 -32.95
C VAL C 79 1.55 6.36 -34.43
N TYR C 80 2.54 5.83 -35.16
CA TYR C 80 2.46 5.60 -36.59
C TYR C 80 2.58 4.12 -36.90
N LEU C 81 1.94 3.71 -38.00
CA LEU C 81 2.15 2.37 -38.56
C LEU C 81 2.51 2.52 -40.04
N GLN C 82 3.77 2.28 -40.37
CA GLN C 82 4.23 2.35 -41.75
C GLN C 82 4.10 0.96 -42.37
N MET C 83 3.21 0.84 -43.36
CA MET C 83 2.90 -0.43 -44.01
C MET C 83 3.46 -0.40 -45.42
N ASN C 84 4.42 -1.27 -45.71
CA ASN C 84 5.04 -1.33 -47.02
C ASN C 84 4.71 -2.64 -47.73
N SER C 85 4.81 -2.61 -49.07
CA SER C 85 4.60 -3.79 -49.92
C SER C 85 3.28 -4.49 -49.57
N LEU C 86 2.20 -3.71 -49.59
CA LEU C 86 0.90 -4.24 -49.17
C LEU C 86 0.36 -5.25 -50.18
N LYS C 87 -0.42 -6.18 -49.67
CA LYS C 87 -1.01 -7.28 -50.40
C LYS C 87 -2.50 -7.30 -50.12
N PRO C 88 -3.30 -7.91 -51.01
CA PRO C 88 -4.74 -7.94 -50.76
C PRO C 88 -5.13 -8.57 -49.44
N GLU C 89 -4.31 -9.48 -48.92
CA GLU C 89 -4.58 -10.05 -47.60
C GLU C 89 -4.53 -9.02 -46.50
N ASP C 90 -3.95 -7.85 -46.72
CA ASP C 90 -3.87 -6.85 -45.67
C ASP C 90 -5.11 -5.97 -45.55
N THR C 91 -6.08 -6.05 -46.47
CA THR C 91 -7.33 -5.33 -46.30
C THR C 91 -8.02 -5.69 -45.00
N ALA C 92 -8.34 -4.65 -44.22
CA ALA C 92 -9.02 -4.81 -42.94
C ALA C 92 -9.37 -3.46 -42.33
N VAL C 93 -10.05 -3.47 -41.18
CA VAL C 93 -10.11 -2.32 -40.30
C VAL C 93 -8.92 -2.43 -39.38
N TYR C 94 -8.09 -1.39 -39.34
CA TYR C 94 -6.93 -1.35 -38.47
C TYR C 94 -7.25 -0.50 -37.24
N TYR C 95 -7.00 -1.06 -36.06
CA TYR C 95 -7.31 -0.42 -34.79
C TYR C 95 -6.05 -0.04 -34.02
N CYS C 96 -6.07 1.15 -33.45
CA CYS C 96 -5.06 1.62 -32.52
C CYS C 96 -5.47 1.22 -31.10
N ALA C 97 -4.51 0.71 -30.32
CA ALA C 97 -4.79 0.24 -28.95
C ALA C 97 -3.68 0.67 -28.01
N ALA C 98 -4.08 0.91 -26.75
CA ALA C 98 -3.20 1.35 -25.68
C ALA C 98 -3.36 0.48 -24.45
N ARG C 99 -2.26 0.19 -23.78
CA ARG C 99 -2.28 -0.50 -22.49
C ARG C 99 -1.57 0.36 -21.45
N SER C 100 -2.26 0.61 -20.33
CA SER C 100 -1.69 1.37 -19.23
C SER C 100 -1.29 0.53 -18.02
N ARG C 101 -1.95 -0.61 -17.80
CA ARG C 101 -1.56 -1.48 -16.70
C ARG C 101 -0.16 -2.03 -16.92
N PHE C 102 0.57 -2.20 -15.81
CA PHE C 102 1.95 -2.65 -15.88
C PHE C 102 2.07 -4.00 -16.58
N ILE C 103 3.07 -4.12 -17.45
CA ILE C 103 3.33 -5.40 -18.12
C ILE C 103 4.78 -5.38 -18.61
N VAL C 104 5.39 -6.57 -18.62
CA VAL C 104 6.71 -6.77 -19.18
C VAL C 104 6.52 -7.09 -20.66
N GLY C 105 7.13 -6.29 -21.54
CA GLY C 105 7.12 -6.59 -22.95
C GLY C 105 5.93 -6.00 -23.69
N VAL C 106 5.71 -6.55 -24.88
CA VAL C 106 4.66 -6.12 -25.78
C VAL C 106 3.65 -7.25 -25.89
N PRO C 107 2.45 -7.14 -25.29
CA PRO C 107 1.48 -8.22 -25.38
C PRO C 107 0.79 -8.22 -26.73
N GLN C 108 0.35 -9.42 -27.16
CA GLN C 108 -0.35 -9.60 -28.42
C GLN C 108 -1.83 -9.97 -28.27
N ALA C 109 -2.28 -10.33 -27.07
CA ALA C 109 -3.68 -10.70 -26.88
C ALA C 109 -4.54 -9.44 -26.86
N ARG C 110 -5.63 -9.46 -27.64
CA ARG C 110 -6.52 -8.30 -27.69
C ARG C 110 -7.03 -7.93 -26.31
N ASP C 111 -7.30 -8.92 -25.46
CA ASP C 111 -7.98 -8.68 -24.20
C ASP C 111 -7.09 -8.00 -23.16
N LEU C 112 -5.77 -8.02 -23.35
CA LEU C 112 -4.85 -7.37 -22.43
C LEU C 112 -4.72 -5.86 -22.66
N TYR C 113 -5.29 -5.32 -23.75
CA TYR C 113 -5.23 -3.89 -24.00
C TYR C 113 -6.38 -3.15 -23.31
N ASP C 114 -6.11 -1.91 -22.91
CA ASP C 114 -7.04 -1.13 -22.09
C ASP C 114 -7.88 -0.15 -22.89
N TYR C 115 -7.34 0.45 -23.96
CA TYR C 115 -8.05 1.47 -24.71
C TYR C 115 -8.00 1.14 -26.20
N TRP C 116 -9.07 1.50 -26.92
CA TRP C 116 -9.19 1.19 -28.34
C TRP C 116 -9.61 2.43 -29.12
N GLY C 117 -9.09 2.55 -30.34
CA GLY C 117 -9.54 3.57 -31.25
C GLY C 117 -10.80 3.12 -31.94
N GLN C 118 -11.36 4.03 -32.76
CA GLN C 118 -12.59 3.75 -33.49
C GLN C 118 -12.35 3.00 -34.79
N GLY C 119 -11.11 2.95 -35.27
CA GLY C 119 -10.74 2.19 -36.46
C GLY C 119 -10.72 2.93 -37.78
N THR C 120 -9.76 2.57 -38.62
CA THR C 120 -9.57 3.15 -39.96
C THR C 120 -9.50 2.03 -40.98
N GLN C 121 -10.23 2.18 -42.08
CA GLN C 121 -10.35 1.11 -43.06
C GLN C 121 -9.20 1.19 -44.07
N VAL C 122 -8.59 0.04 -44.35
CA VAL C 122 -7.53 -0.09 -45.35
C VAL C 122 -7.99 -1.11 -46.36
N THR C 123 -7.98 -0.71 -47.64
CA THR C 123 -8.40 -1.54 -48.78
C THR C 123 -7.24 -1.65 -49.77
N VAL C 124 -6.71 -2.87 -49.96
CA VAL C 124 -5.61 -3.10 -50.88
C VAL C 124 -6.15 -3.79 -52.14
N SER C 125 -6.11 -3.08 -53.28
CA SER C 125 -6.59 -3.56 -54.57
C SER C 125 -5.44 -3.86 -55.51
N SER C 126 -5.68 -4.75 -56.47
CA SER C 126 -4.66 -5.13 -57.45
C SER C 126 -4.92 -4.47 -58.81
N GLN D 1 7.86 -8.42 17.49
CA GLN D 1 8.34 -9.60 18.24
C GLN D 1 7.54 -9.81 19.53
N VAL D 2 7.23 -11.08 19.86
CA VAL D 2 6.38 -11.42 21.01
C VAL D 2 7.08 -12.48 21.86
N GLN D 3 7.05 -12.31 23.19
CA GLN D 3 7.67 -13.26 24.11
C GLN D 3 6.59 -13.95 24.95
N LEU D 4 6.71 -15.28 25.05
CA LEU D 4 5.77 -16.10 25.81
C LEU D 4 6.55 -16.84 26.87
N GLN D 5 6.04 -16.81 28.11
CA GLN D 5 6.71 -17.43 29.25
C GLN D 5 5.66 -18.23 30.03
N GLU D 6 5.79 -19.55 30.02
CA GLU D 6 4.85 -20.42 30.72
C GLU D 6 5.31 -20.67 32.15
N SER D 7 4.33 -21.04 32.98
CA SER D 7 4.54 -21.43 34.37
C SER D 7 3.26 -22.12 34.82
N GLY D 8 3.38 -22.91 35.88
CA GLY D 8 2.23 -23.57 36.47
C GLY D 8 2.21 -25.08 36.36
N GLY D 9 3.21 -25.69 35.73
CA GLY D 9 3.26 -27.13 35.60
C GLY D 9 3.65 -27.80 36.91
N GLY D 10 3.70 -29.11 36.86
CA GLY D 10 4.16 -29.87 38.00
C GLY D 10 3.52 -31.24 38.05
N LEU D 11 3.56 -31.83 39.24
CA LEU D 11 3.01 -33.15 39.50
C LEU D 11 1.62 -33.02 40.10
N VAL D 12 0.69 -33.81 39.58
CA VAL D 12 -0.70 -33.79 40.01
C VAL D 12 -1.27 -35.20 40.01
N MET D 13 -2.13 -35.48 41.00
CA MET D 13 -2.80 -36.77 41.11
C MET D 13 -3.96 -36.88 40.13
N THR D 14 -4.21 -38.10 39.66
CA THR D 14 -5.34 -38.37 38.77
C THR D 14 -6.63 -37.82 39.37
N GLY D 15 -7.36 -37.06 38.56
CA GLY D 15 -8.58 -36.41 39.01
C GLY D 15 -8.38 -35.01 39.55
N GLY D 16 -7.14 -34.62 39.84
CA GLY D 16 -6.87 -33.30 40.36
C GLY D 16 -6.96 -32.23 39.30
N SER D 17 -6.67 -31.00 39.72
CA SER D 17 -6.76 -29.82 38.89
C SER D 17 -5.40 -29.14 38.85
N LEU D 18 -5.20 -28.34 37.81
CA LEU D 18 -3.95 -27.61 37.65
C LEU D 18 -4.25 -26.47 36.69
N ARG D 19 -3.61 -25.33 36.90
CA ARG D 19 -3.82 -24.19 36.02
C ARG D 19 -2.48 -23.72 35.49
N LEU D 20 -2.34 -23.73 34.17
CA LEU D 20 -1.15 -23.18 33.55
C LEU D 20 -1.40 -21.74 33.18
N SER D 21 -0.32 -20.98 33.11
CA SER D 21 -0.39 -19.58 32.74
C SER D 21 0.72 -19.26 31.76
N CYS D 22 0.47 -18.27 30.91
CA CYS D 22 1.44 -17.84 29.90
C CYS D 22 1.47 -16.32 29.87
N ALA D 23 2.62 -15.73 30.20
CA ALA D 23 2.77 -14.28 30.20
C ALA D 23 3.19 -13.84 28.80
N VAL D 24 2.40 -12.94 28.22
CA VAL D 24 2.56 -12.50 26.84
C VAL D 24 3.07 -11.08 26.85
N SER D 25 4.25 -10.85 26.27
CA SER D 25 4.85 -9.53 26.28
C SER D 25 5.40 -9.20 24.89
N GLY D 26 5.73 -7.92 24.73
CA GLY D 26 6.23 -7.42 23.46
C GLY D 26 5.14 -6.77 22.64
N ARG D 27 5.12 -7.07 21.34
CA ARG D 27 4.17 -6.45 20.42
C ARG D 27 2.84 -7.21 20.52
N THR D 28 2.09 -6.90 21.57
CA THR D 28 0.81 -7.57 21.82
C THR D 28 -0.37 -6.88 21.17
N ILE D 29 -0.20 -5.64 20.70
CA ILE D 29 -1.28 -4.86 20.12
C ILE D 29 -2.03 -5.65 19.04
N ASP D 30 -1.31 -6.42 18.20
CA ASP D 30 -1.95 -7.12 17.10
C ASP D 30 -1.80 -8.64 17.21
N VAL D 31 -1.62 -9.16 18.43
CA VAL D 31 -1.82 -10.59 18.63
C VAL D 31 -3.30 -10.90 18.43
N SER D 32 -3.61 -11.86 17.56
CA SER D 32 -5.00 -12.19 17.33
C SER D 32 -5.47 -13.51 17.92
N VAL D 33 -4.58 -14.50 18.08
CA VAL D 33 -4.98 -15.79 18.65
C VAL D 33 -3.90 -16.24 19.63
N MET D 34 -4.34 -16.71 20.80
CA MET D 34 -3.49 -17.37 21.78
C MET D 34 -3.97 -18.81 21.94
N ALA D 35 -3.05 -19.76 22.05
CA ALA D 35 -3.48 -21.15 22.14
C ALA D 35 -2.50 -21.96 22.97
N TRP D 36 -2.97 -23.14 23.37
CA TRP D 36 -2.17 -24.14 24.07
C TRP D 36 -2.03 -25.39 23.21
N PHE D 37 -0.81 -25.94 23.14
CA PHE D 37 -0.51 -27.20 22.47
C PHE D 37 0.14 -28.14 23.49
N ARG D 38 0.16 -29.44 23.19
CA ARG D 38 0.83 -30.39 24.06
C ARG D 38 1.47 -31.51 23.25
N GLN D 39 2.63 -31.98 23.71
CA GLN D 39 3.37 -33.05 23.06
C GLN D 39 3.74 -34.09 24.10
N ALA D 40 3.24 -35.29 23.94
CA ALA D 40 3.49 -36.45 24.78
C ALA D 40 4.61 -37.30 24.18
N PRO D 41 5.33 -38.05 25.02
CA PRO D 41 6.43 -38.89 24.52
C PRO D 41 5.99 -39.81 23.39
N GLY D 42 6.76 -39.79 22.31
CA GLY D 42 6.51 -40.64 21.16
C GLY D 42 5.37 -40.18 20.27
N LYS D 43 4.68 -39.11 20.62
CA LYS D 43 3.56 -38.62 19.84
C LYS D 43 3.89 -37.25 19.28
N GLU D 44 3.07 -36.82 18.32
CA GLU D 44 3.21 -35.53 17.67
C GLU D 44 2.51 -34.45 18.51
N ARG D 45 2.99 -33.21 18.37
CA ARG D 45 2.40 -32.07 19.05
C ARG D 45 0.96 -31.83 18.60
N GLU D 46 0.06 -31.68 19.56
CA GLU D 46 -1.38 -31.57 19.29
C GLU D 46 -1.98 -30.29 19.86
N PHE D 47 -3.00 -29.78 19.15
CA PHE D 47 -3.71 -28.58 19.59
C PHE D 47 -4.60 -28.90 20.78
N VAL D 48 -4.54 -28.08 21.84
CA VAL D 48 -5.38 -28.27 23.02
C VAL D 48 -6.58 -27.31 22.99
N SER D 49 -6.29 -25.99 23.02
CA SER D 49 -7.34 -24.98 23.11
C SER D 49 -6.78 -23.67 22.61
N GLY D 50 -7.67 -22.83 22.08
CA GLY D 50 -7.28 -21.53 21.58
C GLY D 50 -8.42 -20.54 21.71
N MET D 51 -8.07 -19.26 21.66
CA MET D 51 -9.05 -18.20 21.82
C MET D 51 -8.65 -17.01 20.95
N ARG D 52 -9.65 -16.27 20.49
CA ARG D 52 -9.37 -14.99 19.88
C ARG D 52 -8.91 -14.05 20.98
N TRP D 53 -7.68 -13.53 20.84
CA TRP D 53 -7.06 -12.77 21.92
C TRP D 53 -7.98 -11.65 22.40
N SER D 54 -8.47 -10.83 21.47
CA SER D 54 -9.31 -9.69 21.80
C SER D 54 -10.79 -9.94 21.56
N GLY D 55 -11.16 -11.14 21.12
CA GLY D 55 -12.54 -11.50 20.86
C GLY D 55 -13.12 -12.40 21.94
N MET D 56 -14.26 -13.01 21.59
CA MET D 56 -14.99 -13.93 22.45
C MET D 56 -14.76 -15.40 22.10
N THR D 57 -14.71 -15.73 20.80
CA THR D 57 -14.61 -17.12 20.34
C THR D 57 -13.47 -17.89 20.99
N THR D 58 -13.77 -19.13 21.38
CA THR D 58 -12.78 -20.10 21.81
C THR D 58 -13.04 -21.44 21.12
N TYR D 59 -12.03 -22.30 21.15
CA TYR D 59 -12.18 -23.64 20.58
C TYR D 59 -11.23 -24.59 21.29
N SER D 60 -11.72 -25.78 21.61
CA SER D 60 -10.94 -26.79 22.30
C SER D 60 -11.05 -28.12 21.57
N ALA D 61 -10.00 -28.92 21.68
CA ALA D 61 -10.01 -30.27 21.13
C ALA D 61 -11.08 -31.12 21.83
N ASP D 62 -11.61 -32.11 21.09
CA ASP D 62 -12.69 -32.95 21.61
C ASP D 62 -12.29 -33.68 22.89
N SER D 63 -11.05 -34.19 22.94
CA SER D 63 -10.60 -35.02 24.05
C SER D 63 -10.40 -34.23 25.34
N VAL D 64 -10.50 -32.90 25.29
CA VAL D 64 -10.37 -32.06 26.49
C VAL D 64 -11.51 -31.07 26.64
N LYS D 65 -12.48 -31.07 25.71
CA LYS D 65 -13.42 -29.95 25.59
C LYS D 65 -14.23 -29.75 26.87
N ASP D 66 -14.60 -30.82 27.54
CA ASP D 66 -15.43 -30.73 28.73
C ASP D 66 -14.62 -30.70 30.03
N ARG D 67 -13.31 -30.50 29.94
CA ARG D 67 -12.45 -30.56 31.12
C ARG D 67 -11.47 -29.39 31.20
N PHE D 68 -11.02 -28.89 30.06
CA PHE D 68 -10.06 -27.80 30.01
C PHE D 68 -10.79 -26.51 29.67
N THR D 69 -10.17 -25.39 30.04
CA THR D 69 -10.77 -24.09 29.77
C THR D 69 -9.66 -23.06 29.56
N ILE D 70 -9.74 -22.30 28.48
CA ILE D 70 -8.77 -21.26 28.20
C ILE D 70 -9.39 -19.91 28.53
N SER D 71 -8.58 -18.97 29.02
CA SER D 71 -9.08 -17.64 29.31
C SER D 71 -7.91 -16.66 29.32
N ARG D 72 -8.25 -15.37 29.27
CA ARG D 72 -7.28 -14.28 29.34
C ARG D 72 -7.54 -13.47 30.60
N ASP D 73 -6.48 -13.14 31.34
CA ASP D 73 -6.61 -12.33 32.53
C ASP D 73 -7.16 -10.95 32.19
N LYS D 74 -8.11 -10.49 33.00
CA LYS D 74 -8.72 -9.18 32.77
C LYS D 74 -7.76 -8.02 33.04
N THR D 75 -6.71 -8.26 33.81
CA THR D 75 -5.70 -7.24 34.12
C THR D 75 -4.50 -7.34 33.20
N LYS D 76 -3.65 -8.33 33.47
CA LYS D 76 -2.37 -8.47 32.78
C LYS D 76 -2.54 -9.18 31.43
N ASN D 77 -1.44 -9.24 30.68
CA ASN D 77 -1.44 -9.95 29.40
C ASN D 77 -1.03 -11.40 29.66
N THR D 78 -1.95 -12.13 30.26
CA THR D 78 -1.71 -13.52 30.64
C THR D 78 -2.86 -14.38 30.15
N VAL D 79 -2.55 -15.50 29.50
CA VAL D 79 -3.55 -16.49 29.12
C VAL D 79 -3.42 -17.68 30.08
N TYR D 80 -4.55 -18.27 30.44
CA TYR D 80 -4.57 -19.40 31.37
C TYR D 80 -5.12 -20.65 30.69
N LEU D 81 -4.65 -21.79 31.16
CA LEU D 81 -5.23 -23.07 30.82
C LEU D 81 -5.61 -23.74 32.13
N GLN D 82 -6.91 -23.82 32.38
CA GLN D 82 -7.48 -24.50 33.54
C GLN D 82 -7.73 -25.95 33.15
N MET D 83 -7.05 -26.88 33.82
CA MET D 83 -7.16 -28.31 33.53
C MET D 83 -7.83 -29.01 34.72
N ASN D 84 -9.04 -29.52 34.50
CA ASN D 84 -9.78 -30.21 35.55
C ASN D 84 -9.92 -31.69 35.18
N SER D 85 -10.14 -32.50 36.22
CA SER D 85 -10.34 -33.94 36.08
C SER D 85 -9.24 -34.56 35.20
N LEU D 86 -7.99 -34.29 35.58
CA LEU D 86 -6.88 -34.74 34.75
C LEU D 86 -6.73 -36.25 34.81
N LYS D 87 -6.17 -36.79 33.74
CA LYS D 87 -5.98 -38.22 33.58
C LYS D 87 -4.52 -38.46 33.20
N PRO D 88 -4.00 -39.66 33.44
CA PRO D 88 -2.62 -39.93 33.07
C PRO D 88 -2.34 -39.72 31.59
N GLU D 89 -3.36 -39.85 30.73
CA GLU D 89 -3.18 -39.56 29.31
C GLU D 89 -2.84 -38.11 29.06
N ASP D 90 -3.11 -37.22 30.02
CA ASP D 90 -2.83 -35.80 29.84
C ASP D 90 -1.37 -35.45 30.09
N THR D 91 -0.57 -36.41 30.53
CA THR D 91 0.83 -36.16 30.77
C THR D 91 1.52 -35.72 29.50
N ALA D 92 2.14 -34.55 29.53
CA ALA D 92 2.84 -34.04 28.35
C ALA D 92 3.58 -32.76 28.71
N VAL D 93 4.32 -32.24 27.74
CA VAL D 93 4.84 -30.89 27.78
C VAL D 93 3.78 -29.99 27.16
N TYR D 94 3.31 -28.99 27.90
CA TYR D 94 2.30 -28.08 27.40
C TYR D 94 2.96 -26.80 26.92
N TYR D 95 2.65 -26.41 25.70
CA TYR D 95 3.29 -25.25 25.10
C TYR D 95 2.26 -24.15 24.90
N CYS D 96 2.68 -22.93 25.18
CA CYS D 96 1.94 -21.72 24.84
C CYS D 96 2.32 -21.26 23.43
N ALA D 97 1.33 -20.85 22.64
CA ALA D 97 1.57 -20.42 21.26
C ALA D 97 0.75 -19.19 20.90
N ALA D 98 1.34 -18.30 20.10
CA ALA D 98 0.68 -17.06 19.70
C ALA D 98 0.69 -16.89 18.18
N ARG D 99 -0.39 -16.35 17.64
CA ARG D 99 -0.45 -15.97 16.23
C ARG D 99 -0.80 -14.50 16.11
N SER D 100 0.04 -13.75 15.40
CA SER D 100 -0.21 -12.35 15.17
C SER D 100 -0.71 -12.03 13.76
N ARG D 101 -0.35 -12.84 12.75
CA ARG D 101 -0.80 -12.60 11.40
C ARG D 101 -2.32 -12.71 11.30
N PHE D 102 -2.93 -11.87 10.46
CA PHE D 102 -4.38 -11.84 10.36
C PHE D 102 -4.96 -13.20 9.96
N ILE D 103 -6.06 -13.58 10.60
CA ILE D 103 -6.74 -14.84 10.29
C ILE D 103 -8.17 -14.77 10.79
N VAL D 104 -9.06 -15.48 10.11
CA VAL D 104 -10.44 -15.66 10.56
C VAL D 104 -10.50 -16.91 11.44
N GLY D 105 -10.98 -16.74 12.67
CA GLY D 105 -11.20 -17.87 13.55
C GLY D 105 -10.00 -18.24 14.40
N VAL D 106 -10.08 -19.44 14.96
CA VAL D 106 -9.06 -20.01 15.82
C VAL D 106 -8.44 -21.21 15.09
N PRO D 107 -7.23 -21.10 14.56
CA PRO D 107 -6.63 -22.23 13.84
C PRO D 107 -6.07 -23.29 14.78
N GLN D 108 -6.03 -24.53 14.29
CA GLN D 108 -5.52 -25.65 15.05
C GLN D 108 -4.19 -26.20 14.52
N ALA D 109 -3.74 -25.78 13.34
CA ALA D 109 -2.51 -26.28 12.75
C ALA D 109 -1.31 -25.62 13.41
N ARG D 110 -0.39 -26.45 13.93
CA ARG D 110 0.78 -25.91 14.61
C ARG D 110 1.58 -24.96 13.72
N ASP D 111 1.59 -25.21 12.40
CA ASP D 111 2.41 -24.43 11.50
C ASP D 111 1.86 -23.03 11.27
N LEU D 112 0.59 -22.78 11.60
CA LEU D 112 0.02 -21.44 11.44
C LEU D 112 0.35 -20.49 12.59
N TYR D 113 0.91 -20.98 13.70
CA TYR D 113 1.23 -20.10 14.82
C TYR D 113 2.60 -19.47 14.67
N ASP D 114 2.73 -18.23 15.15
CA ASP D 114 3.93 -17.42 14.92
C ASP D 114 4.93 -17.45 16.06
N TYR D 115 4.48 -17.57 17.31
CA TYR D 115 5.38 -17.55 18.46
C TYR D 115 5.09 -18.73 19.37
N TRP D 116 6.14 -19.30 19.96
CA TRP D 116 6.05 -20.48 20.80
C TRP D 116 6.79 -20.28 22.10
N GLY D 117 6.23 -20.81 23.19
CA GLY D 117 6.93 -20.86 24.47
C GLY D 117 7.85 -22.06 24.55
N GLN D 118 8.61 -22.13 25.65
CA GLN D 118 9.57 -23.20 25.85
C GLN D 118 8.92 -24.46 26.37
N GLY D 119 7.67 -24.39 26.83
CA GLY D 119 6.95 -25.57 27.27
C GLY D 119 7.12 -25.82 28.76
N THR D 120 6.05 -26.31 29.37
CA THR D 120 5.99 -26.65 30.80
C THR D 120 5.51 -28.09 30.94
N GLN D 121 6.18 -28.87 31.80
CA GLN D 121 5.86 -30.30 31.89
C GLN D 121 4.72 -30.53 32.87
N VAL D 122 3.74 -31.33 32.46
CA VAL D 122 2.64 -31.73 33.33
C VAL D 122 2.63 -33.25 33.41
N THR D 123 2.70 -33.76 34.64
CA THR D 123 2.71 -35.19 34.92
C THR D 123 1.52 -35.55 35.79
N VAL D 124 0.64 -36.39 35.28
CA VAL D 124 -0.54 -36.85 36.01
C VAL D 124 -0.28 -38.30 36.43
N SER D 125 -0.16 -38.53 37.73
CA SER D 125 0.20 -39.84 38.24
C SER D 125 -1.00 -40.58 38.81
N SER D 126 -0.94 -41.92 38.73
CA SER D 126 -2.02 -42.77 39.22
C SER D 126 -1.62 -43.47 40.52
#